data_5HSI
#
_entry.id   5HSI
#
_cell.length_a   61.787
_cell.length_b   126.169
_cell.length_c   82.728
_cell.angle_alpha   90.00
_cell.angle_beta   109.89
_cell.angle_gamma   90.00
#
_symmetry.space_group_name_H-M   'P 1 21 1'
#
loop_
_entity.id
_entity.type
_entity.pdbx_description
1 polymer 'Putative decarboxylase'
2 non-polymer 'MAGNESIUM ION'
3 water water
#
_entity_poly.entity_id   1
_entity_poly.type   'polypeptide(L)'
_entity_poly.pdbx_seq_one_letter_code
;MEKSNRSLKDLDLNALFIGDKAENGQLYKDLLNKLVDEHLGWRKNYIPSDPNMIGPEDQNSPAFKKTVGHMKTVLDQLSE
RIRTESVPWHSAGRYWGHMNSETLMPALLAYNYAMLWNGNNVAYESSPATSQMEEEVGQEFARLMGYDYGWGHIVADGSL
ANLEGLWYARNIKSLPFAMKEVNPELVAGKSDWELLNMPTKEIMDLLENAGSQIDEVKKRSARSGKNLQRLGKWLVPQTK
HYSWMKAADIIGIGLDQVVPVPIDSNYRMDIQALESIIRKYAAEKTPILGVVGVAGSTEEGAVDGIDKIVALRQKLQKEG
IYFYLHVDAAYGGYARALFLDEDDQFIPYKNLQKVHAENHVFTEDKEYIKPEVYAAYKAFDQAESITIDPHKMGYVPYSA
GGIVIQDIRMRDTISYFATYVFEKGADIPALLGAYILEGSKAGATAASVWAAHHTLPLNVTGYGKLEGASIEGAHRYYDF
LKNLKFEVAGKRISVHPLISPDFNMVDYVLKEDGNDDLIEMNRLNHAFYEQASYVKGSLYGKEYIVSHTDFAIPDYGDSP
LAFVESLGFSEVEWRHAGKVTIIRASVMTPYMNQRENFDYFAPRIKKAIQADLEKVYASVNQKENVLEHHHHHH
;
_entity_poly.pdbx_strand_id   A,B
#
# COMPACT_ATOMS: atom_id res chain seq x y z
N SER A 7 2.69 -10.35 35.38
CA SER A 7 2.98 -9.39 34.31
C SER A 7 3.11 -10.11 32.97
N LEU A 8 2.04 -10.80 32.59
CA LEU A 8 2.04 -11.71 31.43
C LEU A 8 3.08 -12.82 31.56
N LYS A 9 3.52 -13.09 32.79
CA LYS A 9 4.64 -14.00 33.05
C LYS A 9 4.55 -15.37 32.38
N ASP A 10 3.37 -15.98 32.47
CA ASP A 10 3.18 -17.32 31.91
C ASP A 10 2.31 -17.29 30.67
N LEU A 11 2.35 -16.17 29.94
CA LEU A 11 1.74 -16.09 28.62
C LEU A 11 2.21 -17.27 27.79
N ASP A 12 1.26 -17.95 27.13
CA ASP A 12 1.53 -19.16 26.36
C ASP A 12 1.32 -18.88 24.87
N LEU A 13 2.43 -18.80 24.13
CA LEU A 13 2.37 -18.43 22.71
C LEU A 13 1.54 -19.40 21.87
N ASN A 14 1.47 -20.67 22.29
CA ASN A 14 0.70 -21.69 21.56
C ASN A 14 -0.78 -21.32 21.41
N ALA A 15 -1.26 -20.43 22.27
CA ALA A 15 -2.67 -20.05 22.28
C ALA A 15 -2.95 -18.91 21.31
N LEU A 16 -1.90 -18.37 20.70
CA LEU A 16 -2.04 -17.17 19.88
C LEU A 16 -1.90 -17.40 18.38
N PHE A 17 -1.95 -18.66 17.96
CA PHE A 17 -1.82 -19.05 16.55
C PHE A 17 -2.80 -20.15 16.20
N ILE A 18 -3.23 -20.19 14.94
CA ILE A 18 -4.08 -21.28 14.46
C ILE A 18 -3.38 -22.64 14.63
N GLY A 19 -2.07 -22.67 14.37
CA GLY A 19 -1.29 -23.89 14.53
C GLY A 19 -0.97 -24.50 13.19
N ASP A 20 0.21 -25.13 13.07
CA ASP A 20 0.64 -25.70 11.79
C ASP A 20 -0.31 -26.80 11.29
N LYS A 21 -1.02 -27.43 12.22
CA LYS A 21 -1.97 -28.49 11.91
C LYS A 21 -3.39 -28.09 12.30
N ALA A 22 -3.62 -26.77 12.34
CA ALA A 22 -4.93 -26.23 12.71
C ALA A 22 -5.39 -26.72 14.08
N GLU A 23 -4.43 -26.90 14.99
CA GLU A 23 -4.72 -27.36 16.35
C GLU A 23 -5.71 -26.45 17.04
N ASN A 24 -5.62 -25.14 16.76
CA ASN A 24 -6.51 -24.17 17.37
C ASN A 24 -7.51 -23.61 16.36
N GLY A 25 -7.81 -24.40 15.34
CA GLY A 25 -8.75 -24.00 14.31
C GLY A 25 -10.14 -23.68 14.82
N GLN A 26 -10.67 -24.53 15.69
CA GLN A 26 -12.01 -24.31 16.24
C GLN A 26 -12.06 -23.03 17.10
N LEU A 27 -10.98 -22.76 17.82
CA LEU A 27 -10.87 -21.53 18.59
C LEU A 27 -10.95 -20.33 17.67
N TYR A 28 -10.18 -20.37 16.59
CA TYR A 28 -10.22 -19.29 15.59
C TYR A 28 -11.64 -19.11 15.05
N LYS A 29 -12.25 -20.22 14.64
CA LYS A 29 -13.58 -20.17 14.06
C LYS A 29 -14.61 -19.63 15.06
N ASP A 30 -14.53 -20.08 16.32
CA ASP A 30 -15.45 -19.61 17.36
C ASP A 30 -15.32 -18.10 17.58
N LEU A 31 -14.09 -17.62 17.70
CA LEU A 31 -13.85 -16.21 17.92
C LEU A 31 -14.25 -15.40 16.69
N LEU A 32 -13.98 -15.94 15.50
CA LEU A 32 -14.34 -15.24 14.26
C LEU A 32 -15.84 -15.08 14.17
N ASN A 33 -16.57 -16.14 14.48
CA ASN A 33 -18.03 -16.05 14.44
C ASN A 33 -18.59 -15.11 15.50
N LYS A 34 -17.97 -15.08 16.68
CA LYS A 34 -18.39 -14.15 17.72
C LYS A 34 -18.26 -12.70 17.23
N LEU A 35 -17.12 -12.39 16.62
CA LEU A 35 -16.87 -11.04 16.11
C LEU A 35 -17.80 -10.69 14.96
N VAL A 36 -17.98 -11.63 14.03
CA VAL A 36 -18.89 -11.35 12.90
C VAL A 36 -20.30 -11.10 13.43
N ASP A 37 -20.74 -11.89 14.40
CA ASP A 37 -22.04 -11.66 15.04
C ASP A 37 -22.14 -10.27 15.64
N GLU A 38 -21.05 -9.81 16.25
CA GLU A 38 -21.05 -8.48 16.84
C GLU A 38 -21.24 -7.42 15.78
N HIS A 39 -20.55 -7.59 14.66
CA HIS A 39 -20.69 -6.60 13.58
C HIS A 39 -22.09 -6.63 12.96
N LEU A 40 -22.61 -7.83 12.68
CA LEU A 40 -23.94 -7.92 12.07
C LEU A 40 -24.99 -7.33 13.01
N GLY A 41 -24.86 -7.58 14.31
CA GLY A 41 -25.78 -7.04 15.29
C GLY A 41 -25.73 -5.52 15.35
N TRP A 42 -24.54 -4.98 15.09
CA TRP A 42 -24.32 -3.55 15.10
C TRP A 42 -25.02 -2.91 13.91
N ARG A 43 -24.87 -3.50 12.72
CA ARG A 43 -25.56 -2.96 11.54
C ARG A 43 -27.05 -2.98 11.81
N LYS A 44 -27.53 -4.07 12.39
CA LYS A 44 -28.98 -4.23 12.56
C LYS A 44 -29.57 -3.32 13.64
N ASN A 45 -28.89 -3.22 14.78
CA ASN A 45 -29.51 -2.62 15.95
C ASN A 45 -28.90 -1.34 16.50
N TYR A 46 -27.75 -0.91 15.99
CA TYR A 46 -27.08 0.25 16.60
C TYR A 46 -27.95 1.49 16.46
N ILE A 47 -28.61 1.61 15.32
CA ILE A 47 -29.59 2.67 15.06
C ILE A 47 -30.88 2.04 14.57
N PRO A 48 -31.83 1.76 15.49
CA PRO A 48 -33.14 1.26 15.08
C PRO A 48 -33.75 2.21 14.05
N SER A 49 -34.33 1.67 12.98
CA SER A 49 -34.60 2.44 11.74
C SER A 49 -33.30 2.93 11.09
N ASP A 50 -32.89 2.40 9.92
CA ASP A 50 -33.60 1.49 8.98
C ASP A 50 -34.48 2.30 7.98
N PRO A 51 -35.39 1.68 7.20
CA PRO A 51 -36.00 0.33 7.12
C PRO A 51 -35.01 -0.70 6.59
N ASN A 52 -35.46 -1.95 6.53
CA ASN A 52 -34.72 -2.96 5.79
C ASN A 52 -34.98 -2.72 4.32
N MET A 53 -33.91 -2.59 3.54
CA MET A 53 -34.06 -2.43 2.11
C MET A 53 -34.23 -3.79 1.41
N ILE A 54 -33.73 -4.84 2.06
CA ILE A 54 -33.80 -6.20 1.53
C ILE A 54 -34.71 -7.02 2.43
N GLY A 55 -35.75 -7.63 1.88
CA GLY A 55 -36.65 -8.47 2.67
C GLY A 55 -36.73 -9.92 2.21
N PRO A 56 -37.44 -10.76 2.97
CA PRO A 56 -37.68 -12.17 2.60
C PRO A 56 -38.25 -12.33 1.20
N GLU A 57 -39.13 -11.41 0.79
CA GLU A 57 -39.68 -11.43 -0.56
C GLU A 57 -38.59 -11.27 -1.62
N ASP A 58 -37.53 -10.53 -1.30
CA ASP A 58 -36.40 -10.39 -2.21
C ASP A 58 -35.52 -11.65 -2.13
N GLN A 59 -35.22 -12.08 -0.91
CA GLN A 59 -34.28 -13.18 -0.69
C GLN A 59 -34.80 -14.54 -1.19
N ASN A 60 -36.12 -14.67 -1.33
CA ASN A 60 -36.72 -15.90 -1.81
C ASN A 60 -37.11 -15.88 -3.28
N SER A 61 -36.83 -14.77 -3.96
CA SER A 61 -37.08 -14.69 -5.39
C SER A 61 -36.12 -15.62 -6.15
N PRO A 62 -36.54 -16.12 -7.31
CA PRO A 62 -35.68 -17.01 -8.10
C PRO A 62 -34.39 -16.33 -8.56
N ALA A 63 -34.47 -15.07 -8.97
CA ALA A 63 -33.28 -14.36 -9.41
C ALA A 63 -32.27 -14.18 -8.28
N PHE A 64 -32.77 -13.98 -7.06
CA PHE A 64 -31.90 -13.85 -5.89
C PHE A 64 -31.20 -15.18 -5.66
N LYS A 65 -31.98 -16.27 -5.62
CA LYS A 65 -31.39 -17.58 -5.39
C LYS A 65 -30.39 -17.96 -6.48
N LYS A 66 -30.70 -17.62 -7.73
CA LYS A 66 -29.77 -17.84 -8.84
C LYS A 66 -28.47 -17.07 -8.62
N THR A 67 -28.60 -15.83 -8.15
CA THR A 67 -27.42 -14.98 -7.94
C THR A 67 -26.55 -15.51 -6.80
N VAL A 68 -27.19 -16.02 -5.74
CA VAL A 68 -26.43 -16.67 -4.67
C VAL A 68 -25.66 -17.85 -5.24
N GLY A 69 -26.32 -18.63 -6.09
CA GLY A 69 -25.66 -19.79 -6.69
C GLY A 69 -24.46 -19.37 -7.52
N HIS A 70 -24.61 -18.29 -8.24
CA HIS A 70 -23.53 -17.69 -9.04
C HIS A 70 -22.36 -17.26 -8.15
N MET A 71 -22.65 -16.57 -7.06
CA MET A 71 -21.61 -16.19 -6.11
C MET A 71 -20.87 -17.41 -5.53
N LYS A 72 -21.62 -18.45 -5.17
CA LYS A 72 -21.02 -19.69 -4.68
C LYS A 72 -20.08 -20.33 -5.69
N THR A 73 -20.48 -20.32 -6.96
CA THR A 73 -19.63 -20.87 -8.02
C THR A 73 -18.30 -20.13 -8.11
N VAL A 74 -18.37 -18.81 -8.01
CA VAL A 74 -17.16 -17.98 -8.02
C VAL A 74 -16.26 -18.30 -6.82
N LEU A 75 -16.84 -18.34 -5.63
CA LEU A 75 -16.07 -18.57 -4.42
C LEU A 75 -15.51 -19.98 -4.39
N ASP A 76 -16.29 -20.94 -4.88
CA ASP A 76 -15.82 -22.32 -4.92
C ASP A 76 -14.64 -22.47 -5.89
N GLN A 77 -14.69 -21.73 -6.99
CA GLN A 77 -13.59 -21.70 -7.95
C GLN A 77 -12.33 -21.11 -7.32
N LEU A 78 -12.51 -19.97 -6.64
CA LEU A 78 -11.43 -19.30 -5.93
C LEU A 78 -10.84 -20.23 -4.89
N SER A 79 -11.71 -20.88 -4.13
CA SER A 79 -11.29 -21.79 -3.07
C SER A 79 -10.47 -22.95 -3.61
N GLU A 80 -10.93 -23.53 -4.71
CA GLU A 80 -10.24 -24.65 -5.33
C GLU A 80 -8.88 -24.24 -5.90
N ARG A 81 -8.85 -23.11 -6.61
CA ARG A 81 -7.60 -22.68 -7.23
C ARG A 81 -6.52 -22.47 -6.18
N ILE A 82 -6.88 -21.78 -5.09
CA ILE A 82 -5.90 -21.53 -4.04
C ILE A 82 -5.36 -22.83 -3.42
N ARG A 83 -6.24 -23.80 -3.18
CA ARG A 83 -5.77 -25.04 -2.55
C ARG A 83 -4.98 -25.91 -3.52
N THR A 84 -5.41 -25.95 -4.78
CA THR A 84 -4.73 -26.77 -5.78
C THR A 84 -3.32 -26.26 -6.12
N GLU A 85 -3.17 -24.94 -6.22
CA GLU A 85 -1.89 -24.34 -6.59
C GLU A 85 -0.97 -24.19 -5.39
N SER A 86 -1.53 -24.38 -4.21
CA SER A 86 -0.79 -24.09 -2.99
C SER A 86 0.31 -25.10 -2.70
N VAL A 87 1.25 -24.62 -1.91
CA VAL A 87 2.60 -25.14 -1.89
C VAL A 87 2.90 -25.79 -0.55
N PRO A 88 2.12 -26.81 -0.18
CA PRO A 88 1.83 -27.42 1.14
C PRO A 88 2.24 -26.62 2.37
N TRP A 89 1.36 -26.62 3.38
CA TRP A 89 1.56 -25.78 4.56
C TRP A 89 2.87 -26.13 5.26
N HIS A 90 3.69 -25.11 5.47
CA HIS A 90 4.98 -25.28 6.14
C HIS A 90 4.77 -25.59 7.61
N SER A 91 5.38 -26.67 8.08
CA SER A 91 5.26 -27.03 9.49
C SER A 91 6.60 -27.02 10.20
N ALA A 92 6.60 -26.55 11.44
CA ALA A 92 7.81 -26.47 12.25
C ALA A 92 8.46 -27.84 12.38
N GLY A 93 9.79 -27.88 12.23
CA GLY A 93 10.53 -29.13 12.35
C GLY A 93 10.87 -29.71 10.99
N ARG A 94 10.00 -29.45 10.00
CA ARG A 94 10.23 -29.94 8.65
C ARG A 94 10.62 -28.79 7.72
N TYR A 95 9.89 -27.68 7.81
CA TYR A 95 10.22 -26.50 6.98
C TYR A 95 11.31 -25.65 7.60
N TRP A 96 12.44 -25.57 6.91
CA TRP A 96 13.57 -24.77 7.37
C TRP A 96 13.99 -23.85 6.24
N GLY A 97 13.02 -23.13 5.71
CA GLY A 97 13.23 -22.21 4.60
C GLY A 97 13.11 -20.75 5.01
N HIS A 98 12.91 -19.87 4.03
CA HIS A 98 12.94 -18.43 4.25
C HIS A 98 11.57 -17.78 4.47
N MET A 99 10.51 -18.52 4.20
CA MET A 99 9.15 -17.95 4.25
C MET A 99 8.46 -18.18 5.59
N ASN A 100 7.45 -17.37 5.88
CA ASN A 100 6.55 -17.69 6.99
C ASN A 100 5.12 -17.28 6.69
N SER A 101 4.20 -18.20 6.89
CA SER A 101 2.79 -17.92 6.70
C SER A 101 2.02 -18.11 8.00
N GLU A 102 2.72 -18.09 9.13
CA GLU A 102 2.00 -18.20 10.39
C GLU A 102 1.87 -16.92 11.21
N THR A 103 0.71 -16.27 11.03
CA THR A 103 0.44 -14.96 11.62
C THR A 103 -0.33 -15.10 12.94
N LEU A 104 -0.22 -14.06 13.77
CA LEU A 104 -0.90 -14.06 15.07
C LEU A 104 -2.41 -14.11 14.91
N MET A 105 -3.05 -15.00 15.66
CA MET A 105 -4.50 -15.10 15.62
C MET A 105 -5.25 -13.80 15.94
N PRO A 106 -4.83 -13.07 16.98
CA PRO A 106 -5.55 -11.81 17.22
C PRO A 106 -5.43 -10.83 16.05
N ALA A 107 -4.28 -10.82 15.38
CA ALA A 107 -4.10 -9.96 14.21
C ALA A 107 -5.04 -10.36 13.07
N LEU A 108 -5.16 -11.67 12.84
CA LEU A 108 -6.08 -12.19 11.82
C LEU A 108 -7.51 -11.83 12.14
N LEU A 109 -7.93 -12.12 13.37
CA LEU A 109 -9.31 -11.86 13.79
C LEU A 109 -9.66 -10.38 13.73
N ALA A 110 -8.73 -9.54 14.17
CA ALA A 110 -8.95 -8.09 14.15
C ALA A 110 -9.13 -7.58 12.74
N TYR A 111 -8.32 -8.08 11.79
CA TYR A 111 -8.48 -7.69 10.39
C TYR A 111 -9.85 -8.12 9.86
N ASN A 112 -10.17 -9.41 10.04
CA ASN A 112 -11.47 -9.98 9.64
C ASN A 112 -12.63 -9.11 10.11
N TYR A 113 -12.58 -8.74 11.38
CA TYR A 113 -13.66 -7.97 12.01
C TYR A 113 -13.72 -6.54 11.50
N ALA A 114 -12.60 -5.84 11.56
CA ALA A 114 -12.55 -4.43 11.17
C ALA A 114 -12.86 -4.23 9.70
N MET A 115 -12.49 -5.21 8.86
CA MET A 115 -12.75 -5.10 7.41
C MET A 115 -14.23 -4.92 7.09
N LEU A 116 -15.09 -5.47 7.94
CA LEU A 116 -16.53 -5.35 7.75
C LEU A 116 -17.00 -3.89 7.78
N TRP A 117 -16.36 -3.06 8.59
CA TRP A 117 -16.65 -1.61 8.57
C TRP A 117 -15.99 -0.92 7.36
N ASN A 118 -14.90 -1.51 6.90
CA ASN A 118 -14.20 -1.03 5.69
C ASN A 118 -13.84 0.45 5.76
N GLY A 119 -13.31 0.87 6.91
CA GLY A 119 -12.91 2.26 7.06
C GLY A 119 -11.60 2.55 6.34
N ASN A 120 -11.47 3.81 5.93
CA ASN A 120 -10.27 4.30 5.25
C ASN A 120 -9.59 5.22 6.24
N ASN A 121 -8.38 4.88 6.66
CA ASN A 121 -7.72 5.66 7.73
C ASN A 121 -7.23 7.06 7.34
N VAL A 122 -7.40 7.43 6.09
CA VAL A 122 -7.10 8.81 5.70
C VAL A 122 -8.38 9.63 5.80
N ALA A 123 -9.52 8.95 5.77
CA ALA A 123 -10.82 9.61 5.92
C ALA A 123 -11.43 9.31 7.29
N TYR A 124 -11.16 10.19 8.25
CA TYR A 124 -11.54 9.99 9.65
C TYR A 124 -12.99 9.60 9.88
N GLU A 125 -13.91 10.25 9.19
CA GLU A 125 -15.34 9.98 9.33
C GLU A 125 -15.68 8.50 9.09
N SER A 126 -14.87 7.83 8.27
CA SER A 126 -15.13 6.43 7.93
C SER A 126 -14.43 5.50 8.91
N SER A 127 -13.60 6.07 9.79
CA SER A 127 -12.71 5.25 10.60
C SER A 127 -12.23 5.88 11.90
N PRO A 128 -13.13 6.44 12.72
CA PRO A 128 -12.59 7.14 13.91
C PRO A 128 -11.85 6.19 14.85
N ALA A 129 -12.36 4.97 14.99
CA ALA A 129 -11.77 3.99 15.90
C ALA A 129 -10.43 3.48 15.39
N THR A 130 -10.38 3.10 14.12
CA THR A 130 -9.13 2.59 13.56
C THR A 130 -8.10 3.71 13.32
N SER A 131 -8.57 4.94 13.10
CA SER A 131 -7.65 6.07 13.02
C SER A 131 -6.91 6.26 14.35
N GLN A 132 -7.65 6.19 15.45
CA GLN A 132 -7.04 6.31 16.78
C GLN A 132 -6.11 5.13 17.03
N MET A 133 -6.51 3.94 16.58
CA MET A 133 -5.64 2.78 16.74
C MET A 133 -4.33 2.96 15.98
N GLU A 134 -4.38 3.55 14.80
CA GLU A 134 -3.13 3.77 14.08
C GLU A 134 -2.26 4.82 14.78
N GLU A 135 -2.88 5.83 15.38
CA GLU A 135 -2.10 6.80 16.17
C GLU A 135 -1.39 6.10 17.33
N GLU A 136 -2.11 5.23 18.02
CA GLU A 136 -1.50 4.46 19.11
C GLU A 136 -0.39 3.54 18.64
N VAL A 137 -0.58 2.90 17.48
CA VAL A 137 0.47 2.07 16.89
C VAL A 137 1.72 2.91 16.62
N GLY A 138 1.53 4.13 16.12
CA GLY A 138 2.65 5.04 15.91
C GLY A 138 3.39 5.34 17.21
N GLN A 139 2.64 5.63 18.25
CA GLN A 139 3.22 5.90 19.56
C GLN A 139 3.95 4.67 20.11
N GLU A 140 3.38 3.49 19.87
CA GLU A 140 4.01 2.25 20.30
C GLU A 140 5.31 1.97 19.56
N PHE A 141 5.35 2.27 18.27
CA PHE A 141 6.60 2.15 17.50
C PHE A 141 7.66 3.08 18.09
N ALA A 142 7.25 4.31 18.38
CA ALA A 142 8.19 5.31 18.89
C ALA A 142 8.75 4.88 20.24
N ARG A 143 7.87 4.36 21.09
CA ARG A 143 8.31 3.91 22.42
C ARG A 143 9.25 2.71 22.31
N LEU A 144 8.93 1.78 21.40
CA LEU A 144 9.81 0.63 21.17
C LEU A 144 11.22 1.06 20.75
N MET A 145 11.31 2.14 19.98
CA MET A 145 12.61 2.57 19.47
C MET A 145 13.34 3.53 20.42
N GLY A 146 12.72 3.83 21.56
CA GLY A 146 13.33 4.71 22.54
C GLY A 146 13.27 6.19 22.19
N TYR A 147 12.40 6.53 21.24
CA TYR A 147 12.21 7.92 20.85
C TYR A 147 11.37 8.62 21.91
N ASP A 148 11.90 9.68 22.52
CA ASP A 148 11.17 10.40 23.56
C ASP A 148 10.08 11.31 23.02
N TYR A 149 10.26 11.77 21.78
CA TYR A 149 9.27 12.64 21.16
C TYR A 149 9.10 12.32 19.67
N GLY A 150 9.12 11.03 19.36
CA GLY A 150 8.95 10.58 17.98
C GLY A 150 7.51 10.30 17.59
N TRP A 151 7.35 9.65 16.45
CA TRP A 151 6.05 9.33 15.91
C TRP A 151 6.26 8.20 14.90
N GLY A 152 5.16 7.64 14.40
CA GLY A 152 5.24 6.63 13.35
C GLY A 152 3.88 6.35 12.77
N HIS A 153 3.84 5.52 11.72
CA HIS A 153 2.56 5.09 11.15
C HIS A 153 2.77 3.80 10.37
N ILE A 154 1.67 3.19 9.96
CA ILE A 154 1.71 1.95 9.20
C ILE A 154 1.82 2.35 7.72
N VAL A 155 2.64 1.62 6.97
CA VAL A 155 2.86 1.90 5.55
C VAL A 155 2.36 0.70 4.76
N ALA A 156 2.01 0.92 3.50
CA ALA A 156 1.49 -0.15 2.64
C ALA A 156 2.41 -1.36 2.57
N ASP A 157 3.72 -1.12 2.56
CA ASP A 157 4.72 -2.17 2.66
C ASP A 157 6.08 -1.59 3.07
N GLY A 158 7.06 -2.47 3.31
CA GLY A 158 8.36 -2.04 3.81
C GLY A 158 9.20 -1.27 2.81
N SER A 159 9.00 -1.53 1.52
CA SER A 159 9.79 -0.80 0.54
C SER A 159 9.29 0.64 0.46
N LEU A 160 7.98 0.83 0.65
CA LEU A 160 7.45 2.19 0.67
C LEU A 160 7.84 2.91 1.96
N ALA A 161 8.02 2.15 3.05
CA ALA A 161 8.52 2.77 4.28
C ALA A 161 9.95 3.30 4.06
N ASN A 162 10.78 2.53 3.39
CA ASN A 162 12.13 2.98 3.09
C ASN A 162 12.11 4.20 2.16
N LEU A 163 11.19 4.18 1.21
CA LEU A 163 11.05 5.31 0.27
C LEU A 163 10.68 6.59 1.04
N GLU A 164 9.77 6.45 1.98
CA GLU A 164 9.36 7.56 2.84
C GLU A 164 10.53 8.09 3.67
N GLY A 165 11.36 7.18 4.17
CA GLY A 165 12.57 7.60 4.86
C GLY A 165 13.47 8.44 3.98
N LEU A 166 13.63 8.03 2.73
CA LEU A 166 14.49 8.76 1.82
C LEU A 166 13.88 10.11 1.46
N TRP A 167 12.56 10.15 1.43
CA TRP A 167 11.83 11.39 1.14
C TRP A 167 12.13 12.39 2.25
N TYR A 168 12.05 11.89 3.48
CA TYR A 168 12.39 12.68 4.68
C TYR A 168 13.80 13.21 4.57
N ALA A 169 14.75 12.31 4.32
CA ALA A 169 16.16 12.71 4.23
C ALA A 169 16.38 13.76 3.14
N ARG A 170 15.79 13.52 1.97
CA ARG A 170 15.95 14.42 0.82
C ARG A 170 15.41 15.81 1.17
N ASN A 171 14.20 15.87 1.70
CA ASN A 171 13.60 17.16 2.00
C ASN A 171 14.34 17.88 3.11
N ILE A 172 14.69 17.15 4.17
CA ILE A 172 15.38 17.76 5.30
C ILE A 172 16.74 18.33 4.89
N LYS A 173 17.49 17.58 4.08
CA LYS A 173 18.80 18.03 3.61
C LYS A 173 18.72 19.38 2.89
N SER A 174 17.60 19.60 2.21
CA SER A 174 17.42 20.77 1.35
C SER A 174 16.90 21.98 2.13
N LEU A 175 16.45 21.78 3.36
CA LEU A 175 15.81 22.88 4.09
C LEU A 175 16.71 24.08 4.42
N PRO A 176 17.97 23.85 4.82
CA PRO A 176 18.80 25.04 5.08
C PRO A 176 18.99 25.93 3.86
N PHE A 177 19.10 25.35 2.66
CA PHE A 177 19.16 26.14 1.43
C PHE A 177 17.84 26.86 1.17
N ALA A 178 16.73 26.18 1.46
CA ALA A 178 15.41 26.76 1.28
C ALA A 178 15.25 27.94 2.24
N MET A 179 15.76 27.81 3.46
CA MET A 179 15.70 28.91 4.43
C MET A 179 16.56 30.09 3.98
N LYS A 180 17.73 29.77 3.40
CA LYS A 180 18.61 30.83 2.87
C LYS A 180 17.90 31.65 1.79
N GLU A 181 17.15 30.97 0.94
CA GLU A 181 16.47 31.64 -0.16
C GLU A 181 15.27 32.49 0.31
N VAL A 182 14.57 32.01 1.33
CA VAL A 182 13.37 32.70 1.82
C VAL A 182 13.70 33.81 2.82
N ASN A 183 14.62 33.52 3.72
CA ASN A 183 15.01 34.46 4.77
C ASN A 183 16.47 34.25 5.17
N PRO A 184 17.42 34.84 4.42
CA PRO A 184 18.86 34.69 4.65
C PRO A 184 19.26 34.89 6.11
N GLU A 185 18.53 35.74 6.82
CA GLU A 185 18.79 36.00 8.24
C GLU A 185 18.71 34.74 9.12
N LEU A 186 17.88 33.78 8.71
CA LEU A 186 17.71 32.53 9.44
C LEU A 186 19.01 31.73 9.55
N VAL A 187 19.84 31.82 8.51
CA VAL A 187 21.05 31.01 8.43
C VAL A 187 22.26 31.88 8.12
N ALA A 188 22.14 33.16 8.45
CA ALA A 188 23.22 34.13 8.25
C ALA A 188 24.53 33.69 8.88
N GLY A 189 25.63 33.92 8.18
CA GLY A 189 26.95 33.61 8.69
C GLY A 189 27.38 32.16 8.52
N LYS A 190 26.53 31.36 7.86
CA LYS A 190 26.86 29.95 7.61
C LYS A 190 27.23 29.75 6.16
N SER A 191 28.34 29.04 5.91
CA SER A 191 28.74 28.71 4.55
C SER A 191 27.77 27.68 3.99
N ASP A 192 27.77 27.51 2.68
CA ASP A 192 26.90 26.52 2.05
C ASP A 192 27.25 25.12 2.53
N TRP A 193 28.53 24.84 2.70
CA TRP A 193 28.95 23.54 3.22
C TRP A 193 28.41 23.34 4.63
N GLU A 194 28.41 24.40 5.44
CA GLU A 194 27.84 24.29 6.78
C GLU A 194 26.33 24.02 6.73
N LEU A 195 25.66 24.60 5.74
CA LEU A 195 24.22 24.42 5.60
C LEU A 195 23.91 22.96 5.25
N LEU A 196 24.80 22.35 4.48
CA LEU A 196 24.66 20.97 4.05
C LEU A 196 25.16 19.96 5.09
N ASN A 197 25.60 20.45 6.24
CA ASN A 197 26.07 19.55 7.29
C ASN A 197 25.49 19.90 8.65
N MET A 198 24.28 20.43 8.62
CA MET A 198 23.56 20.80 9.83
C MET A 198 22.83 19.58 10.40
N PRO A 199 22.96 19.34 11.72
CA PRO A 199 22.28 18.20 12.33
C PRO A 199 20.77 18.36 12.18
N THR A 200 20.06 17.25 12.07
CA THR A 200 18.64 17.31 11.79
C THR A 200 17.85 18.11 12.82
N LYS A 201 18.17 17.94 14.10
CA LYS A 201 17.39 18.65 15.12
C LYS A 201 17.54 20.16 14.99
N GLU A 202 18.74 20.61 14.61
CA GLU A 202 19.00 22.03 14.38
C GLU A 202 18.20 22.55 13.18
N ILE A 203 18.14 21.76 12.12
CA ILE A 203 17.31 22.11 10.96
C ILE A 203 15.85 22.24 11.38
N MET A 204 15.37 21.30 12.17
CA MET A 204 13.97 21.32 12.61
C MET A 204 13.70 22.51 13.53
N ASP A 205 14.65 22.83 14.40
CA ASP A 205 14.52 24.01 15.27
C ASP A 205 14.42 25.28 14.44
N LEU A 206 15.27 25.38 13.42
CA LEU A 206 15.26 26.55 12.54
C LEU A 206 13.95 26.67 11.76
N LEU A 207 13.42 25.54 11.30
CA LEU A 207 12.17 25.54 10.55
C LEU A 207 11.02 26.05 11.41
N GLU A 208 10.98 25.56 12.65
CA GLU A 208 9.95 25.96 13.59
C GLU A 208 10.08 27.46 13.85
N ASN A 209 11.32 27.93 13.89
CA ASN A 209 11.63 29.34 14.09
C ASN A 209 11.29 30.25 12.89
N ALA A 210 11.13 29.65 11.72
CA ALA A 210 10.70 30.40 10.54
C ALA A 210 9.24 30.86 10.66
N GLY A 211 8.51 30.20 11.55
CA GLY A 211 7.15 30.61 11.91
C GLY A 211 6.19 30.79 10.76
N SER A 212 5.80 32.03 10.49
CA SER A 212 4.88 32.37 9.42
C SER A 212 5.40 31.98 8.04
N GLN A 213 6.71 31.75 7.95
CA GLN A 213 7.35 31.51 6.66
C GLN A 213 7.55 30.04 6.31
N ILE A 214 7.06 29.14 7.16
CA ILE A 214 7.29 27.71 6.97
C ILE A 214 6.80 27.19 5.61
N ASP A 215 5.60 27.56 5.21
CA ASP A 215 5.08 27.10 3.93
C ASP A 215 5.92 27.61 2.76
N GLU A 216 6.41 28.83 2.86
CA GLU A 216 7.25 29.38 1.81
C GLU A 216 8.60 28.64 1.77
N VAL A 217 9.14 28.31 2.94
CA VAL A 217 10.38 27.54 3.00
C VAL A 217 10.18 26.16 2.37
N LYS A 218 9.07 25.51 2.71
CA LYS A 218 8.78 24.20 2.14
C LYS A 218 8.71 24.28 0.60
N LYS A 219 8.13 25.36 0.10
CA LYS A 219 8.04 25.58 -1.35
C LYS A 219 9.40 25.65 -2.04
N ARG A 220 10.44 26.07 -1.31
CA ARG A 220 11.77 26.19 -1.90
C ARG A 220 12.66 24.98 -1.58
N SER A 221 12.11 24.01 -0.87
CA SER A 221 12.88 22.82 -0.50
C SER A 221 12.91 21.87 -1.68
N ALA A 222 13.39 20.64 -1.44
CA ALA A 222 13.43 19.62 -2.49
C ALA A 222 12.06 19.38 -3.12
N ARG A 223 10.99 19.76 -2.43
CA ARG A 223 9.63 19.65 -2.96
C ARG A 223 9.51 20.36 -4.31
N SER A 224 10.30 21.42 -4.47
CA SER A 224 10.33 22.22 -5.69
C SER A 224 11.02 21.53 -6.87
N GLY A 225 11.82 20.50 -6.59
CA GLY A 225 12.57 19.77 -7.61
C GLY A 225 13.90 20.38 -8.03
N LYS A 226 14.31 21.45 -7.36
CA LYS A 226 15.53 22.17 -7.75
C LYS A 226 16.83 21.47 -7.29
N ASN A 227 17.65 21.05 -8.26
CA ASN A 227 18.99 20.51 -7.99
C ASN A 227 19.06 19.52 -6.84
N LEU A 228 18.39 18.39 -7.01
CA LEU A 228 18.35 17.37 -5.99
C LEU A 228 19.73 16.72 -5.82
N GLN A 229 20.57 16.75 -6.85
CA GLN A 229 21.87 16.07 -6.72
C GLN A 229 22.90 16.87 -5.90
N ARG A 230 22.57 18.14 -5.62
CA ARG A 230 23.31 18.96 -4.66
C ARG A 230 23.29 18.37 -3.23
N LEU A 231 22.33 17.48 -2.98
CA LEU A 231 22.00 17.07 -1.63
C LEU A 231 22.85 15.93 -1.10
N GLY A 232 23.65 15.35 -1.98
CA GLY A 232 24.64 14.37 -1.52
C GLY A 232 24.35 12.91 -1.80
N LYS A 233 25.21 12.04 -1.27
CA LYS A 233 25.20 10.61 -1.57
C LYS A 233 24.46 9.82 -0.50
N TRP A 234 23.82 8.74 -0.93
CA TRP A 234 23.06 7.88 -0.02
C TRP A 234 23.85 6.59 0.12
N LEU A 235 24.44 6.40 1.29
CA LEU A 235 25.38 5.29 1.52
C LEU A 235 24.67 4.12 2.19
N VAL A 236 24.77 2.94 1.57
CA VAL A 236 24.02 1.76 2.02
C VAL A 236 24.93 0.52 1.99
N PRO A 237 24.63 -0.50 2.81
CA PRO A 237 25.49 -1.70 2.74
C PRO A 237 25.40 -2.30 1.33
N GLN A 238 26.49 -2.88 0.83
CA GLN A 238 26.55 -3.34 -0.56
C GLN A 238 25.40 -4.27 -0.94
N THR A 239 24.97 -5.09 0.02
CA THR A 239 23.88 -6.04 -0.22
C THR A 239 22.49 -5.40 -0.32
N LYS A 240 22.43 -4.10 -0.06
CA LYS A 240 21.19 -3.35 -0.18
C LYS A 240 21.26 -2.35 -1.33
N HIS A 241 22.39 -2.32 -2.02
CA HIS A 241 22.63 -1.35 -3.09
C HIS A 241 21.56 -1.44 -4.16
N TYR A 242 21.29 -2.65 -4.66
CA TYR A 242 20.30 -2.80 -5.72
C TYR A 242 18.92 -2.31 -5.30
N SER A 243 18.45 -2.75 -4.13
CA SER A 243 17.11 -2.36 -3.68
C SER A 243 16.97 -0.84 -3.51
N TRP A 244 18.03 -0.16 -3.10
CA TRP A 244 17.96 1.29 -2.92
C TRP A 244 18.02 2.09 -4.23
N MET A 245 18.58 1.50 -5.27
CA MET A 245 18.59 2.19 -6.56
C MET A 245 17.17 2.55 -7.01
N LYS A 246 16.23 1.64 -6.78
CA LYS A 246 14.84 1.86 -7.15
C LYS A 246 14.25 3.05 -6.40
N ALA A 247 14.50 3.12 -5.09
CA ALA A 247 14.01 4.25 -4.29
C ALA A 247 14.64 5.57 -4.74
N ALA A 248 15.95 5.58 -4.97
CA ALA A 248 16.65 6.79 -5.41
C ALA A 248 16.13 7.26 -6.77
N ASP A 249 15.82 6.29 -7.63
CA ASP A 249 15.23 6.53 -8.94
C ASP A 249 13.86 7.21 -8.77
N ILE A 250 12.99 6.60 -7.97
CA ILE A 250 11.65 7.16 -7.73
C ILE A 250 11.71 8.59 -7.17
N ILE A 251 12.57 8.80 -6.18
CA ILE A 251 12.60 10.05 -5.41
C ILE A 251 13.33 11.18 -6.14
N GLY A 252 13.94 10.87 -7.27
CA GLY A 252 14.50 11.91 -8.13
C GLY A 252 15.96 12.25 -7.95
N ILE A 253 16.64 11.64 -6.97
CA ILE A 253 18.07 11.92 -6.80
C ILE A 253 18.87 11.12 -7.80
N GLY A 254 18.30 10.01 -8.27
CA GLY A 254 18.93 9.21 -9.30
C GLY A 254 19.75 8.06 -8.78
N LEU A 255 19.84 6.98 -9.55
CA LEU A 255 20.45 5.79 -8.99
C LEU A 255 21.96 5.89 -8.76
N ASP A 256 22.64 6.81 -9.46
CA ASP A 256 24.08 6.99 -9.23
C ASP A 256 24.40 7.65 -7.89
N GLN A 257 23.38 8.18 -7.21
CA GLN A 257 23.58 8.81 -5.91
C GLN A 257 23.61 7.78 -4.77
N VAL A 258 23.25 6.54 -5.09
CA VAL A 258 23.37 5.46 -4.10
C VAL A 258 24.77 4.87 -4.16
N VAL A 259 25.46 4.88 -3.02
CA VAL A 259 26.83 4.41 -2.99
C VAL A 259 26.91 3.19 -2.10
N PRO A 260 27.41 2.07 -2.64
CA PRO A 260 27.50 0.85 -1.84
C PRO A 260 28.70 0.90 -0.90
N VAL A 261 28.47 0.48 0.35
CA VAL A 261 29.55 0.38 1.32
C VAL A 261 29.86 -1.10 1.53
N PRO A 262 31.14 -1.48 1.42
CA PRO A 262 31.48 -2.90 1.57
C PRO A 262 30.98 -3.49 2.88
N ILE A 263 30.60 -4.76 2.87
CA ILE A 263 30.26 -5.45 4.11
C ILE A 263 31.41 -6.38 4.52
N ASP A 264 31.44 -6.75 5.80
CA ASP A 264 32.54 -7.58 6.30
C ASP A 264 32.19 -9.06 6.32
N SER A 265 33.02 -9.88 6.98
CA SER A 265 32.82 -11.33 7.00
C SER A 265 31.62 -11.74 7.87
N ASN A 266 31.04 -10.77 8.57
CA ASN A 266 29.81 -10.98 9.33
C ASN A 266 28.62 -10.49 8.51
N TYR A 267 28.91 -9.99 7.31
CA TYR A 267 27.92 -9.43 6.38
C TYR A 267 27.23 -8.19 6.95
N ARG A 268 27.95 -7.52 7.86
CA ARG A 268 27.55 -6.22 8.39
C ARG A 268 28.33 -5.15 7.65
N MET A 269 27.79 -3.94 7.58
CA MET A 269 28.51 -2.82 6.95
C MET A 269 29.88 -2.61 7.61
N ASP A 270 30.91 -2.48 6.78
CA ASP A 270 32.27 -2.22 7.26
C ASP A 270 32.38 -0.75 7.63
N ILE A 271 32.54 -0.46 8.92
CA ILE A 271 32.50 0.94 9.39
C ILE A 271 33.79 1.69 9.07
N GLN A 272 34.91 0.97 8.96
CA GLN A 272 36.13 1.61 8.50
C GLN A 272 35.93 2.06 7.05
N ALA A 273 35.38 1.17 6.22
CA ALA A 273 35.10 1.54 4.83
C ALA A 273 34.09 2.68 4.77
N LEU A 274 33.06 2.64 5.62
CA LEU A 274 32.07 3.72 5.68
C LEU A 274 32.76 5.09 5.90
N GLU A 275 33.66 5.14 6.87
CA GLU A 275 34.37 6.38 7.18
C GLU A 275 35.25 6.82 6.02
N SER A 276 35.97 5.89 5.41
CA SER A 276 36.82 6.22 4.26
C SER A 276 36.01 6.80 3.10
N ILE A 277 34.87 6.20 2.81
CA ILE A 277 33.99 6.69 1.75
C ILE A 277 33.48 8.09 2.08
N ILE A 278 32.97 8.27 3.29
CA ILE A 278 32.48 9.59 3.72
C ILE A 278 33.57 10.67 3.60
N ARG A 279 34.77 10.37 4.10
CA ARG A 279 35.87 11.34 4.03
C ARG A 279 36.26 11.68 2.58
N LYS A 280 36.15 10.71 1.69
CA LYS A 280 36.45 10.92 0.26
C LYS A 280 35.50 11.94 -0.36
N TYR A 281 34.21 11.77 -0.09
CA TYR A 281 33.23 12.72 -0.61
C TYR A 281 33.34 14.08 0.09
N ALA A 282 33.54 14.06 1.41
CA ALA A 282 33.67 15.31 2.16
C ALA A 282 34.85 16.13 1.67
N ALA A 283 35.91 15.45 1.28
CA ALA A 283 37.12 16.12 0.81
C ALA A 283 36.88 16.94 -0.46
N GLU A 284 35.93 16.50 -1.30
CA GLU A 284 35.60 17.23 -2.52
C GLU A 284 34.37 18.10 -2.34
N LYS A 285 33.95 18.26 -1.08
CA LYS A 285 32.73 18.99 -0.74
C LYS A 285 31.44 18.41 -1.33
N THR A 286 31.39 17.09 -1.46
CA THR A 286 30.14 16.40 -1.78
C THR A 286 29.53 15.95 -0.46
N PRO A 287 28.29 16.37 -0.19
CA PRO A 287 27.65 16.01 1.08
C PRO A 287 27.25 14.55 1.12
N ILE A 288 26.95 14.09 2.33
CA ILE A 288 26.34 12.78 2.51
C ILE A 288 24.87 13.02 2.81
N LEU A 289 23.99 12.59 1.91
CA LEU A 289 22.56 12.77 2.11
C LEU A 289 22.12 11.92 3.29
N GLY A 290 22.71 10.74 3.41
CA GLY A 290 22.39 9.88 4.54
C GLY A 290 23.08 8.54 4.49
N VAL A 291 22.99 7.80 5.59
CA VAL A 291 23.56 6.47 5.68
C VAL A 291 22.46 5.53 6.14
N VAL A 292 22.37 4.34 5.52
CA VAL A 292 21.43 3.32 5.97
C VAL A 292 22.20 2.23 6.72
N GLY A 293 21.75 1.94 7.94
CA GLY A 293 22.27 0.80 8.71
C GLY A 293 21.19 -0.25 8.73
N VAL A 294 21.56 -1.52 8.62
CA VAL A 294 20.55 -2.57 8.51
C VAL A 294 20.48 -3.40 9.78
N ALA A 295 19.28 -3.56 10.33
CA ALA A 295 19.11 -4.47 11.46
C ALA A 295 18.26 -5.66 10.99
N GLY A 296 18.95 -6.76 10.68
CA GLY A 296 18.32 -7.96 10.17
C GLY A 296 18.45 -8.03 8.66
N SER A 297 19.63 -8.39 8.16
CA SER A 297 19.84 -8.45 6.72
C SER A 297 19.01 -9.54 6.08
N THR A 298 18.78 -9.39 4.78
CA THR A 298 17.80 -10.22 4.06
C THR A 298 18.19 -11.69 3.97
N GLU A 299 19.48 -11.97 3.79
CA GLU A 299 19.92 -13.34 3.61
C GLU A 299 20.75 -13.90 4.76
N GLU A 300 21.13 -13.06 5.73
CA GLU A 300 22.02 -13.51 6.81
C GLU A 300 21.50 -13.19 8.20
N GLY A 301 20.46 -12.36 8.28
CA GLY A 301 19.98 -11.89 9.57
C GLY A 301 21.02 -11.06 10.30
N ALA A 302 21.98 -10.50 9.56
CA ALA A 302 23.05 -9.70 10.17
C ALA A 302 22.51 -8.40 10.74
N VAL A 303 23.15 -7.91 11.80
CA VAL A 303 22.78 -6.64 12.40
C VAL A 303 23.99 -5.69 12.33
N ASP A 304 23.84 -4.59 11.60
CA ASP A 304 24.94 -3.63 11.42
C ASP A 304 25.27 -2.96 12.75
N GLY A 305 26.49 -2.46 12.89
CA GLY A 305 26.90 -1.83 14.14
C GLY A 305 26.37 -0.41 14.22
N ILE A 306 25.08 -0.28 14.50
CA ILE A 306 24.44 1.03 14.51
C ILE A 306 25.15 1.95 15.51
N ASP A 307 25.61 1.38 16.62
CA ASP A 307 26.34 2.16 17.62
C ASP A 307 27.64 2.71 17.06
N LYS A 308 28.31 1.93 16.23
CA LYS A 308 29.56 2.37 15.63
C LYS A 308 29.31 3.47 14.60
N ILE A 309 28.19 3.38 13.88
CA ILE A 309 27.82 4.42 12.92
C ILE A 309 27.53 5.72 13.66
N VAL A 310 26.79 5.62 14.77
CA VAL A 310 26.49 6.78 15.59
C VAL A 310 27.75 7.43 16.18
N ALA A 311 28.65 6.61 16.70
CA ALA A 311 29.92 7.11 17.20
C ALA A 311 30.72 7.77 16.07
N LEU A 312 30.70 7.16 14.88
CA LEU A 312 31.39 7.76 13.74
C LEU A 312 30.82 9.15 13.43
N ARG A 313 29.51 9.28 13.47
CA ARG A 313 28.88 10.56 13.17
C ARG A 313 29.33 11.60 14.17
N GLN A 314 29.37 11.23 15.45
CA GLN A 314 29.78 12.17 16.48
C GLN A 314 31.21 12.64 16.25
N LYS A 315 32.05 11.73 15.79
CA LYS A 315 33.45 12.06 15.51
C LYS A 315 33.53 13.02 14.34
N LEU A 316 32.80 12.73 13.27
CA LEU A 316 32.86 13.55 12.06
C LEU A 316 32.25 14.95 12.21
N GLN A 317 31.30 15.09 13.15
CA GLN A 317 30.67 16.39 13.39
C GLN A 317 31.68 17.43 13.86
N LYS A 318 32.68 16.97 14.62
CA LYS A 318 33.78 17.83 15.05
C LYS A 318 34.63 18.31 13.87
N GLU A 319 34.49 17.64 12.72
CA GLU A 319 35.20 18.03 11.50
C GLU A 319 34.25 18.64 10.46
N GLY A 320 33.04 18.96 10.88
CA GLY A 320 32.09 19.68 10.03
C GLY A 320 31.29 18.82 9.08
N ILE A 321 31.22 17.52 9.39
CA ILE A 321 30.47 16.58 8.56
C ILE A 321 29.30 15.98 9.32
N TYR A 322 28.11 16.01 8.72
CA TYR A 322 26.95 15.37 9.34
C TYR A 322 26.27 14.46 8.32
N PHE A 323 25.65 13.37 8.80
CA PHE A 323 24.78 12.58 7.94
C PHE A 323 23.52 12.12 8.65
N TYR A 324 22.39 12.21 7.94
CA TYR A 324 21.12 11.61 8.37
C TYR A 324 21.32 10.10 8.51
N LEU A 325 20.73 9.52 9.56
CA LEU A 325 20.82 8.06 9.73
C LEU A 325 19.45 7.41 9.66
N HIS A 326 19.30 6.49 8.70
CA HIS A 326 18.06 5.69 8.59
C HIS A 326 18.39 4.23 8.93
N VAL A 327 17.65 3.63 9.85
CA VAL A 327 17.86 2.23 10.17
C VAL A 327 16.76 1.38 9.51
N ASP A 328 17.19 0.48 8.63
CA ASP A 328 16.26 -0.47 8.04
C ASP A 328 16.14 -1.65 8.97
N ALA A 329 15.12 -1.60 9.83
CA ALA A 329 14.82 -2.70 10.73
C ALA A 329 13.55 -3.41 10.30
N ALA A 330 13.32 -3.44 8.98
CA ALA A 330 12.14 -4.15 8.43
C ALA A 330 12.00 -5.52 9.07
N TYR A 331 13.10 -6.25 9.11
CA TYR A 331 13.07 -7.59 9.68
CA TYR A 331 13.13 -7.60 9.68
C TYR A 331 13.36 -7.60 11.19
N GLY A 332 14.35 -6.81 11.62
CA GLY A 332 14.81 -6.85 13.00
C GLY A 332 14.17 -5.90 14.00
N GLY A 333 13.20 -5.12 13.57
CA GLY A 333 12.64 -4.09 14.43
C GLY A 333 11.96 -4.60 15.69
N TYR A 334 11.13 -5.63 15.56
CA TYR A 334 10.39 -6.14 16.72
C TYR A 334 11.33 -6.78 17.73
N ALA A 335 12.52 -7.16 17.29
CA ALA A 335 13.47 -7.81 18.20
C ALA A 335 13.96 -6.82 19.26
N ARG A 336 13.78 -5.53 19.03
CA ARG A 336 14.16 -4.55 20.06
C ARG A 336 13.34 -4.74 21.34
N ALA A 337 12.21 -5.43 21.23
CA ALA A 337 11.36 -5.72 22.38
C ALA A 337 12.06 -6.61 23.40
N LEU A 338 13.13 -7.28 22.96
CA LEU A 338 13.91 -8.13 23.86
C LEU A 338 14.62 -7.28 24.90
N PHE A 339 14.80 -6.00 24.60
CA PHE A 339 15.66 -5.17 25.42
C PHE A 339 14.91 -4.16 26.27
N LEU A 340 13.58 -4.25 26.24
CA LEU A 340 12.75 -3.35 27.03
C LEU A 340 12.03 -4.12 28.13
N ASP A 341 12.10 -3.61 29.35
CA ASP A 341 11.41 -4.27 30.45
C ASP A 341 9.92 -3.91 30.45
N GLU A 342 9.19 -4.40 31.46
CA GLU A 342 7.74 -4.21 31.49
C GLU A 342 7.31 -2.74 31.56
N ASP A 343 8.23 -1.86 31.97
CA ASP A 343 7.97 -0.43 31.96
C ASP A 343 8.56 0.25 30.72
N ASP A 344 8.94 -0.55 29.72
CA ASP A 344 9.49 -0.05 28.46
C ASP A 344 10.82 0.65 28.60
N GLN A 345 11.55 0.32 29.67
CA GLN A 345 12.88 0.87 29.91
C GLN A 345 13.94 -0.07 29.34
N PHE A 346 14.99 0.49 28.75
CA PHE A 346 16.05 -0.33 28.16
C PHE A 346 16.82 -1.09 29.25
N ILE A 347 16.96 -2.39 29.07
CA ILE A 347 17.59 -3.25 30.07
C ILE A 347 19.11 -3.21 29.89
N PRO A 348 19.87 -2.98 30.98
CA PRO A 348 21.34 -3.01 30.87
C PRO A 348 21.82 -4.42 30.49
N TYR A 349 22.88 -4.50 29.70
CA TYR A 349 23.32 -5.78 29.14
C TYR A 349 23.56 -6.83 30.24
N LYS A 350 24.16 -6.40 31.34
CA LYS A 350 24.51 -7.34 32.41
C LYS A 350 23.28 -7.97 33.05
N ASN A 351 22.12 -7.34 32.87
CA ASN A 351 20.87 -7.84 33.46
C ASN A 351 19.98 -8.59 32.47
N LEU A 352 20.41 -8.65 31.20
CA LEU A 352 19.57 -9.19 30.14
C LEU A 352 19.19 -10.65 30.38
N GLN A 353 20.17 -11.50 30.67
CA GLN A 353 19.84 -12.90 30.90
C GLN A 353 18.94 -13.10 32.12
N LYS A 354 19.16 -12.31 33.16
CA LYS A 354 18.32 -12.37 34.35
C LYS A 354 16.86 -11.98 34.03
N VAL A 355 16.68 -10.87 33.34
CA VAL A 355 15.33 -10.43 32.99
C VAL A 355 14.66 -11.43 32.05
N HIS A 356 15.43 -11.95 31.11
CA HIS A 356 14.90 -12.95 30.17
C HIS A 356 14.45 -14.24 30.88
N ALA A 357 15.20 -14.68 31.88
CA ALA A 357 14.78 -15.85 32.65
C ALA A 357 13.51 -15.56 33.44
N GLU A 358 13.45 -14.39 34.05
CA GLU A 358 12.30 -14.01 34.86
C GLU A 358 11.02 -13.95 34.03
N ASN A 359 11.17 -13.59 32.76
CA ASN A 359 10.02 -13.44 31.88
C ASN A 359 9.88 -14.58 30.88
N HIS A 360 10.64 -15.65 31.10
CA HIS A 360 10.55 -16.85 30.28
C HIS A 360 10.68 -16.55 28.78
N VAL A 361 11.58 -15.63 28.45
CA VAL A 361 11.89 -15.29 27.07
C VAL A 361 12.62 -16.42 26.36
N PHE A 362 13.60 -17.00 27.05
CA PHE A 362 14.33 -18.17 26.55
C PHE A 362 14.14 -19.33 27.52
N THR A 363 14.01 -20.55 26.99
CA THR A 363 13.73 -21.72 27.85
C THR A 363 14.96 -22.18 28.60
N GLU A 364 16.13 -21.83 28.07
CA GLU A 364 17.41 -22.15 28.71
C GLU A 364 18.22 -20.88 28.93
N ASP A 365 18.81 -20.75 30.11
CA ASP A 365 19.60 -19.55 30.41
C ASP A 365 20.98 -19.60 29.76
N LYS A 366 21.10 -19.05 28.56
CA LYS A 366 22.37 -18.98 27.85
C LYS A 366 22.49 -17.60 27.23
N GLU A 367 23.66 -17.28 26.69
CA GLU A 367 23.81 -16.04 25.94
C GLU A 367 23.30 -16.25 24.51
N TYR A 368 22.26 -15.53 24.11
CA TYR A 368 21.73 -15.64 22.76
C TYR A 368 22.04 -14.38 21.97
N ILE A 369 21.97 -13.25 22.65
CA ILE A 369 22.21 -11.96 22.01
C ILE A 369 23.67 -11.57 22.18
N LYS A 370 24.38 -11.44 21.06
CA LYS A 370 25.77 -11.00 21.04
C LYS A 370 25.88 -9.59 21.61
N PRO A 371 26.98 -9.30 22.32
CA PRO A 371 27.19 -7.94 22.86
C PRO A 371 27.08 -6.88 21.78
N GLU A 372 27.64 -7.14 20.61
CA GLU A 372 27.65 -6.13 19.54
C GLU A 372 26.27 -5.97 18.92
N VAL A 373 25.43 -7.00 19.06
CA VAL A 373 24.04 -6.89 18.61
C VAL A 373 23.24 -6.02 19.59
N TYR A 374 23.39 -6.30 20.87
CA TYR A 374 22.80 -5.49 21.93
C TYR A 374 23.17 -4.02 21.72
N ALA A 375 24.47 -3.76 21.54
CA ALA A 375 24.97 -2.40 21.36
C ALA A 375 24.34 -1.68 20.19
N ALA A 376 24.12 -2.41 19.10
CA ALA A 376 23.50 -1.84 17.90
C ALA A 376 22.06 -1.44 18.19
N TYR A 377 21.33 -2.33 18.84
CA TYR A 377 19.94 -2.05 19.17
C TYR A 377 19.81 -0.87 20.11
N LYS A 378 20.75 -0.75 21.05
CA LYS A 378 20.70 0.34 22.02
C LYS A 378 20.77 1.70 21.33
N ALA A 379 21.51 1.76 20.23
CA ALA A 379 21.74 3.00 19.53
C ALA A 379 20.62 3.43 18.59
N PHE A 380 19.53 2.66 18.50
CA PHE A 380 18.48 3.00 17.53
C PHE A 380 17.88 4.38 17.77
N ASP A 381 17.84 4.82 19.03
CA ASP A 381 17.18 6.07 19.37
C ASP A 381 17.89 7.30 18.83
N GLN A 382 19.08 7.08 18.27
CA GLN A 382 19.87 8.13 17.64
C GLN A 382 19.57 8.29 16.14
N ALA A 383 18.90 7.30 15.55
CA ALA A 383 18.58 7.36 14.12
C ALA A 383 17.43 8.32 13.86
N GLU A 384 17.53 9.07 12.77
CA GLU A 384 16.44 9.97 12.39
C GLU A 384 15.16 9.22 12.04
N SER A 385 15.29 8.08 11.37
CA SER A 385 14.14 7.25 11.04
C SER A 385 14.48 5.76 11.04
N ILE A 386 13.44 4.95 11.26
CA ILE A 386 13.58 3.50 11.35
C ILE A 386 12.40 2.86 10.64
N THR A 387 12.70 1.89 9.77
CA THR A 387 11.67 1.06 9.15
C THR A 387 11.52 -0.19 10.00
N ILE A 388 10.27 -0.63 10.22
CA ILE A 388 9.96 -1.85 10.97
C ILE A 388 8.67 -2.39 10.37
N ASP A 389 8.66 -3.65 9.92
CA ASP A 389 7.50 -4.18 9.20
C ASP A 389 6.71 -5.16 10.04
N PRO A 390 5.47 -4.82 10.36
CA PRO A 390 4.63 -5.79 11.08
C PRO A 390 4.48 -7.12 10.33
N HIS A 391 4.44 -7.10 9.00
CA HIS A 391 4.23 -8.34 8.24
C HIS A 391 5.49 -9.20 8.08
N LYS A 392 6.62 -8.73 8.62
CA LYS A 392 7.77 -9.61 8.78
C LYS A 392 7.76 -10.20 10.19
N MET A 393 8.62 -9.71 11.08
CA MET A 393 8.71 -10.29 12.42
C MET A 393 7.71 -9.74 13.44
N GLY A 394 6.71 -8.99 12.95
CA GLY A 394 5.58 -8.65 13.80
C GLY A 394 4.47 -9.69 13.76
N TYR A 395 4.57 -10.65 12.84
CA TYR A 395 3.57 -11.73 12.71
C TYR A 395 2.16 -11.22 12.39
N VAL A 396 2.11 -10.11 11.67
CA VAL A 396 0.86 -9.51 11.21
C VAL A 396 0.66 -9.85 9.73
N PRO A 397 -0.58 -10.15 9.30
CA PRO A 397 -0.76 -10.53 7.90
C PRO A 397 -0.31 -9.46 6.90
N TYR A 398 0.23 -9.87 5.76
CA TYR A 398 0.46 -8.93 4.66
C TYR A 398 -0.85 -8.24 4.31
N SER A 399 -0.81 -6.96 3.93
CA SER A 399 0.41 -6.15 3.88
C SER A 399 0.39 -5.10 4.99
N ALA A 400 1.52 -4.99 5.69
CA ALA A 400 1.66 -3.98 6.73
C ALA A 400 3.14 -3.69 6.97
N GLY A 401 3.60 -2.56 6.45
CA GLY A 401 4.93 -2.08 6.78
C GLY A 401 4.84 -1.02 7.85
N GLY A 402 5.97 -0.44 8.24
CA GLY A 402 5.97 0.59 9.27
C GLY A 402 7.16 1.53 9.16
N ILE A 403 6.98 2.76 9.62
CA ILE A 403 8.07 3.72 9.69
C ILE A 403 7.94 4.48 10.99
N VAL A 404 9.07 4.79 11.60
CA VAL A 404 9.12 5.53 12.85
C VAL A 404 10.05 6.70 12.63
N ILE A 405 9.68 7.88 13.12
CA ILE A 405 10.57 9.05 13.00
C ILE A 405 10.97 9.56 14.38
N GLN A 406 12.21 10.04 14.49
CA GLN A 406 12.81 10.41 15.77
C GLN A 406 12.12 11.58 16.43
N ASP A 407 11.66 12.51 15.60
CA ASP A 407 11.13 13.78 16.09
C ASP A 407 9.85 13.99 15.31
N ILE A 408 8.73 14.05 16.02
CA ILE A 408 7.41 14.19 15.38
C ILE A 408 7.38 15.39 14.45
N ARG A 409 8.18 16.41 14.75
CA ARG A 409 8.20 17.62 13.92
C ARG A 409 8.67 17.35 12.49
N MET A 410 9.41 16.27 12.30
CA MET A 410 9.92 15.92 10.98
C MET A 410 8.80 15.79 9.95
N ARG A 411 7.62 15.37 10.40
CA ARG A 411 6.52 15.15 9.45
C ARG A 411 6.08 16.45 8.78
N ASP A 412 6.37 17.58 9.41
CA ASP A 412 6.05 18.87 8.79
C ASP A 412 6.83 19.10 7.50
N THR A 413 7.96 18.39 7.34
CA THR A 413 8.80 18.59 6.16
C THR A 413 8.25 17.90 4.90
N ILE A 414 7.32 16.96 5.08
CA ILE A 414 6.74 16.25 3.94
C ILE A 414 5.23 16.39 3.85
N SER A 415 4.65 17.18 4.75
CA SER A 415 3.20 17.22 4.90
C SER A 415 2.48 18.06 3.85
N TYR A 416 1.23 17.70 3.57
CA TYR A 416 0.36 18.46 2.66
C TYR A 416 -0.99 18.69 3.33
N PHE A 417 -1.48 19.93 3.30
CA PHE A 417 -2.77 20.18 3.92
C PHE A 417 -3.88 20.51 2.93
N ALA A 418 -4.45 21.70 3.04
CA ALA A 418 -5.62 22.07 2.24
C ALA A 418 -5.82 23.57 2.23
N LEU A 431 -5.97 14.81 9.54
CA LEU A 431 -4.81 14.44 10.36
C LEU A 431 -3.86 13.52 9.59
N LEU A 432 -4.00 12.21 9.82
CA LEU A 432 -3.02 11.22 9.33
C LEU A 432 -2.62 11.34 7.84
N GLY A 433 -3.59 11.56 6.97
CA GLY A 433 -3.33 11.61 5.54
C GLY A 433 -2.38 12.72 5.12
N ALA A 434 -2.30 13.75 5.95
CA ALA A 434 -1.44 14.88 5.65
C ALA A 434 0.03 14.54 5.83
N TYR A 435 0.32 13.48 6.57
CA TYR A 435 1.68 13.25 7.04
C TYR A 435 2.38 12.04 6.42
N ILE A 436 1.82 11.48 5.35
CA ILE A 436 2.33 10.21 4.84
C ILE A 436 2.58 10.27 3.34
N LEU A 437 3.36 9.33 2.83
CA LEU A 437 3.64 9.28 1.40
C LEU A 437 2.46 8.72 0.63
N GLU A 438 1.81 7.70 1.19
CA GLU A 438 0.75 7.02 0.46
C GLU A 438 -0.58 7.75 0.61
N GLY A 439 -1.63 7.18 0.00
CA GLY A 439 -2.95 7.77 0.07
C GLY A 439 -3.86 6.97 0.97
N SER A 440 -5.04 6.62 0.46
CA SER A 440 -6.00 5.78 1.20
C SER A 440 -5.31 4.55 1.78
N LYS A 441 -5.82 4.09 2.92
CA LYS A 441 -5.19 2.96 3.60
C LYS A 441 -6.24 2.31 4.50
N ALA A 442 -6.19 0.99 4.61
CA ALA A 442 -7.26 0.27 5.30
C ALA A 442 -7.18 0.46 6.81
N GLY A 443 -8.31 0.84 7.41
CA GLY A 443 -8.44 0.81 8.85
C GLY A 443 -8.25 -0.59 9.39
N ALA A 444 -8.61 -1.60 8.60
CA ALA A 444 -8.46 -2.97 9.07
C ALA A 444 -7.01 -3.32 9.36
N THR A 445 -6.09 -2.76 8.59
CA THR A 445 -4.65 -3.01 8.82
C THR A 445 -4.24 -2.45 10.18
N ALA A 446 -4.73 -1.26 10.49
CA ALA A 446 -4.44 -0.64 11.77
C ALA A 446 -5.03 -1.47 12.91
N ALA A 447 -6.27 -1.95 12.74
CA ALA A 447 -6.87 -2.85 13.72
C ALA A 447 -6.00 -4.10 13.93
N SER A 448 -5.49 -4.64 12.83
CA SER A 448 -4.69 -5.87 12.89
C SER A 448 -3.39 -5.70 13.67
N VAL A 449 -2.65 -4.64 13.37
CA VAL A 449 -1.41 -4.35 14.08
C VAL A 449 -1.70 -3.99 15.53
N TRP A 450 -2.75 -3.19 15.76
CA TRP A 450 -3.11 -2.78 17.12
C TRP A 450 -3.41 -4.01 17.99
N ALA A 451 -4.15 -4.96 17.44
CA ALA A 451 -4.52 -6.15 18.19
C ALA A 451 -3.29 -6.97 18.52
N ALA A 452 -2.34 -7.03 17.59
CA ALA A 452 -1.11 -7.77 17.87
C ALA A 452 -0.34 -7.10 19.00
N HIS A 453 -0.21 -5.78 18.90
CA HIS A 453 0.55 -4.99 19.87
C HIS A 453 -0.10 -5.01 21.23
N HIS A 454 -1.41 -5.14 21.28
CA HIS A 454 -2.08 -5.13 22.58
C HIS A 454 -2.20 -6.51 23.22
N THR A 455 -2.14 -7.57 22.40
CA THR A 455 -1.99 -8.92 22.91
C THR A 455 -0.55 -9.15 23.41
N LEU A 456 0.41 -8.61 22.66
CA LEU A 456 1.84 -8.78 22.98
C LEU A 456 2.49 -7.41 23.01
N PRO A 457 2.62 -6.83 24.21
CA PRO A 457 3.26 -5.51 24.37
C PRO A 457 4.68 -5.54 23.81
N LEU A 458 5.18 -4.38 23.37
CA LEU A 458 6.46 -4.34 22.66
C LEU A 458 7.64 -4.28 23.63
N ASN A 459 7.73 -5.31 24.47
CA ASN A 459 8.77 -5.42 25.48
C ASN A 459 8.88 -6.90 25.90
N VAL A 460 9.67 -7.20 26.94
CA VAL A 460 9.90 -8.60 27.30
C VAL A 460 8.62 -9.35 27.70
N THR A 461 7.58 -8.62 28.07
CA THR A 461 6.35 -9.30 28.48
C THR A 461 5.53 -9.85 27.31
N GLY A 462 5.75 -9.28 26.12
CA GLY A 462 4.98 -9.65 24.96
C GLY A 462 5.84 -10.12 23.80
N TYR A 463 6.21 -9.20 22.90
CA TYR A 463 6.99 -9.60 21.74
C TYR A 463 8.36 -10.18 22.07
N GLY A 464 8.91 -9.79 23.22
CA GLY A 464 10.17 -10.37 23.67
C GLY A 464 10.13 -11.89 23.68
N LYS A 465 9.01 -12.44 24.15
CA LYS A 465 8.81 -13.88 24.17
C LYS A 465 8.75 -14.49 22.77
N LEU A 466 8.07 -13.82 21.85
CA LEU A 466 7.87 -14.34 20.50
C LEU A 466 9.15 -14.25 19.70
N GLU A 467 9.80 -13.09 19.75
CA GLU A 467 11.09 -12.93 19.08
C GLU A 467 12.09 -13.88 19.71
N GLY A 468 12.01 -14.04 21.02
CA GLY A 468 12.85 -14.98 21.75
C GLY A 468 12.71 -16.42 21.29
N ALA A 469 11.46 -16.85 21.11
CA ALA A 469 11.19 -18.23 20.69
C ALA A 469 11.78 -18.51 19.32
N SER A 470 11.68 -17.52 18.44
CA SER A 470 12.23 -17.63 17.11
C SER A 470 13.75 -17.73 17.16
N ILE A 471 14.38 -16.83 17.92
CA ILE A 471 15.84 -16.82 18.07
C ILE A 471 16.34 -18.13 18.67
N GLU A 472 15.58 -18.66 19.63
CA GLU A 472 16.02 -19.88 20.29
C GLU A 472 15.95 -21.05 19.31
N GLY A 473 14.90 -21.11 18.50
CA GLY A 473 14.81 -22.11 17.45
C GLY A 473 15.99 -22.03 16.48
N ALA A 474 16.34 -20.81 16.09
CA ALA A 474 17.50 -20.61 15.22
C ALA A 474 18.79 -21.15 15.85
N HIS A 475 19.00 -20.87 17.13
CA HIS A 475 20.20 -21.33 17.81
C HIS A 475 20.27 -22.85 17.92
N ARG A 476 19.12 -23.49 18.16
CA ARG A 476 19.07 -24.96 18.22
C ARG A 476 19.45 -25.55 16.87
N TYR A 477 18.92 -24.96 15.80
CA TYR A 477 19.21 -25.41 14.43
C TYR A 477 20.69 -25.21 14.09
N TYR A 478 21.24 -24.05 14.45
CA TYR A 478 22.66 -23.77 14.23
C TYR A 478 23.53 -24.80 14.94
N ASP A 479 23.16 -25.11 16.18
CA ASP A 479 23.95 -26.03 16.99
C ASP A 479 23.89 -27.43 16.40
N PHE A 480 22.72 -27.81 15.92
CA PHE A 480 22.51 -29.11 15.27
C PHE A 480 23.33 -29.25 13.98
N LEU A 481 23.41 -28.18 13.20
CA LEU A 481 24.13 -28.21 11.93
C LEU A 481 25.65 -28.26 12.13
N LYS A 482 26.11 -27.66 13.24
CA LYS A 482 27.53 -27.37 13.43
C LYS A 482 28.53 -28.54 13.24
N ASN A 483 28.17 -29.74 13.66
CA ASN A 483 29.10 -30.86 13.54
C ASN A 483 28.53 -32.00 12.70
N LEU A 484 27.54 -31.67 11.89
CA LEU A 484 26.84 -32.65 11.08
C LEU A 484 27.69 -33.22 9.95
N LYS A 485 27.80 -34.55 9.91
CA LYS A 485 28.62 -35.22 8.88
C LYS A 485 27.86 -36.38 8.25
N PHE A 486 28.13 -36.64 6.97
CA PHE A 486 27.44 -37.69 6.25
C PHE A 486 28.42 -38.46 5.40
N GLU A 487 28.13 -39.75 5.19
CA GLU A 487 28.89 -40.52 4.22
C GLU A 487 27.92 -40.96 3.13
N VAL A 488 28.21 -40.57 1.90
CA VAL A 488 27.37 -40.93 0.76
C VAL A 488 28.24 -41.57 -0.31
N ALA A 489 27.93 -42.83 -0.65
CA ALA A 489 28.64 -43.53 -1.71
C ALA A 489 30.16 -43.47 -1.56
N GLY A 490 30.63 -43.52 -0.31
CA GLY A 490 32.05 -43.53 -0.02
C GLY A 490 32.70 -42.17 0.14
N LYS A 491 31.90 -41.11 0.05
CA LYS A 491 32.43 -39.76 0.22
C LYS A 491 32.04 -39.20 1.59
N ARG A 492 32.97 -38.53 2.27
CA ARG A 492 32.65 -37.84 3.52
C ARG A 492 32.14 -36.45 3.17
N ILE A 493 30.93 -36.11 3.63
CA ILE A 493 30.33 -34.80 3.36
C ILE A 493 30.04 -34.09 4.68
N SER A 494 30.48 -32.85 4.79
CA SER A 494 30.30 -32.08 6.02
C SER A 494 29.37 -30.87 5.84
N VAL A 495 28.61 -30.55 6.88
CA VAL A 495 27.82 -29.31 6.91
C VAL A 495 28.67 -28.21 7.51
N HIS A 496 28.74 -27.06 6.86
CA HIS A 496 29.50 -25.93 7.40
C HIS A 496 28.58 -24.72 7.56
N PRO A 497 28.16 -24.44 8.79
CA PRO A 497 27.34 -23.24 8.98
C PRO A 497 28.14 -22.00 8.64
N LEU A 498 27.45 -21.00 8.09
CA LEU A 498 28.10 -19.80 7.60
C LEU A 498 28.70 -18.96 8.74
N ILE A 499 27.83 -18.62 9.70
CA ILE A 499 28.19 -17.81 10.86
C ILE A 499 27.18 -18.09 11.96
N SER A 500 27.53 -17.75 13.20
CA SER A 500 26.55 -17.85 14.28
C SER A 500 25.58 -16.69 14.06
N PRO A 501 24.27 -16.93 14.23
CA PRO A 501 23.28 -15.91 13.86
C PRO A 501 23.29 -14.65 14.73
N ASP A 502 23.23 -13.48 14.10
CA ASP A 502 22.99 -12.22 14.83
C ASP A 502 21.55 -12.19 15.33
N PHE A 503 20.66 -12.85 14.58
CA PHE A 503 19.22 -12.81 14.83
C PHE A 503 18.66 -14.23 14.68
N ASN A 504 17.83 -14.47 13.68
CA ASN A 504 17.15 -15.76 13.56
C ASN A 504 17.30 -16.44 12.21
N MET A 505 18.23 -15.96 11.39
CA MET A 505 18.51 -16.59 10.10
C MET A 505 19.76 -17.44 10.23
N VAL A 506 19.70 -18.65 9.71
CA VAL A 506 20.81 -19.59 9.81
C VAL A 506 21.13 -20.11 8.42
N ASP A 507 22.39 -19.98 8.02
CA ASP A 507 22.84 -20.38 6.71
C ASP A 507 23.95 -21.44 6.80
N TYR A 508 24.05 -22.29 5.78
CA TYR A 508 25.12 -23.29 5.76
C TYR A 508 25.45 -23.76 4.34
N VAL A 509 26.58 -24.44 4.17
CA VAL A 509 26.83 -25.17 2.92
C VAL A 509 27.15 -26.63 3.23
N LEU A 510 26.84 -27.52 2.30
CA LEU A 510 27.37 -28.89 2.34
C LEU A 510 28.62 -28.92 1.50
N LYS A 511 29.62 -29.69 1.92
CA LYS A 511 30.87 -29.77 1.17
C LYS A 511 31.43 -31.17 1.26
N GLU A 512 31.92 -31.66 0.13
CA GLU A 512 32.63 -32.92 0.11
C GLU A 512 34.00 -32.67 0.72
N ASP A 513 34.35 -33.43 1.76
CA ASP A 513 35.65 -33.28 2.40
C ASP A 513 36.75 -33.51 1.37
N GLY A 514 37.77 -32.66 1.39
CA GLY A 514 38.91 -32.84 0.51
C GLY A 514 38.69 -32.38 -0.92
N ASN A 515 37.45 -32.05 -1.27
CA ASN A 515 37.16 -31.50 -2.58
C ASN A 515 37.28 -29.99 -2.52
N ASP A 516 38.25 -29.42 -3.23
CA ASP A 516 38.50 -28.00 -3.15
C ASP A 516 38.10 -27.25 -4.43
N ASP A 517 37.18 -27.85 -5.16
CA ASP A 517 36.59 -27.21 -6.33
C ASP A 517 35.30 -26.51 -5.91
N LEU A 518 35.32 -25.18 -5.90
CA LEU A 518 34.17 -24.39 -5.42
C LEU A 518 32.98 -24.48 -6.38
N ILE A 519 33.26 -24.62 -7.67
CA ILE A 519 32.18 -24.80 -8.63
C ILE A 519 31.42 -26.09 -8.32
N GLU A 520 32.15 -27.12 -7.92
CA GLU A 520 31.51 -28.39 -7.55
C GLU A 520 30.68 -28.27 -6.26
N MET A 521 31.18 -27.52 -5.28
CA MET A 521 30.42 -27.32 -4.04
C MET A 521 29.13 -26.56 -4.32
N ASN A 522 29.20 -25.56 -5.20
CA ASN A 522 28.00 -24.83 -5.57
C ASN A 522 27.01 -25.76 -6.26
N ARG A 523 27.53 -26.64 -7.11
CA ARG A 523 26.71 -27.61 -7.81
C ARG A 523 26.05 -28.57 -6.81
N LEU A 524 26.80 -28.96 -5.79
CA LEU A 524 26.25 -29.82 -4.74
C LEU A 524 25.10 -29.15 -4.00
N ASN A 525 25.35 -27.95 -3.47
CA ASN A 525 24.31 -27.27 -2.70
C ASN A 525 23.09 -26.90 -3.54
N HIS A 526 23.30 -26.65 -4.83
CA HIS A 526 22.17 -26.39 -5.70
C HIS A 526 21.31 -27.64 -5.91
N ALA A 527 21.98 -28.77 -6.13
CA ALA A 527 21.27 -30.03 -6.35
C ALA A 527 20.57 -30.47 -5.07
N PHE A 528 21.22 -30.22 -3.94
CA PHE A 528 20.64 -30.53 -2.64
C PHE A 528 19.37 -29.73 -2.41
N TYR A 529 19.43 -28.43 -2.65
CA TYR A 529 18.25 -27.57 -2.49
C TYR A 529 17.09 -28.08 -3.32
N GLU A 530 17.38 -28.52 -4.55
CA GLU A 530 16.31 -28.98 -5.44
C GLU A 530 15.65 -30.26 -4.92
N GLN A 531 16.45 -31.09 -4.25
CA GLN A 531 15.93 -32.30 -3.62
C GLN A 531 15.09 -31.96 -2.40
N ALA A 532 15.54 -30.98 -1.63
CA ALA A 532 14.86 -30.57 -0.40
C ALA A 532 13.96 -29.38 -0.64
N SER A 533 13.13 -29.46 -1.68
CA SER A 533 12.13 -28.43 -1.96
C SER A 533 11.02 -29.01 -2.83
N TYR A 534 9.93 -28.26 -2.98
CA TYR A 534 8.78 -28.74 -3.74
C TYR A 534 8.81 -28.34 -5.21
N VAL A 535 8.35 -29.25 -6.07
CA VAL A 535 7.93 -28.88 -7.42
C VAL A 535 6.40 -28.88 -7.44
N LYS A 536 5.82 -27.78 -7.92
CA LYS A 536 4.37 -27.57 -7.90
C LYS A 536 3.58 -28.78 -8.41
N GLY A 537 2.38 -28.95 -7.86
CA GLY A 537 1.62 -30.16 -8.08
C GLY A 537 2.01 -31.18 -7.03
N SER A 538 2.86 -30.75 -6.10
CA SER A 538 3.33 -31.60 -5.02
C SER A 538 2.20 -31.96 -4.07
N LEU A 539 1.87 -33.25 -3.98
CA LEU A 539 0.88 -33.70 -3.01
C LEU A 539 1.57 -33.91 -1.67
N TYR A 540 2.57 -34.79 -1.66
CA TYR A 540 3.24 -35.19 -0.43
C TYR A 540 4.03 -34.05 0.20
N GLY A 541 3.85 -33.86 1.50
CA GLY A 541 4.71 -32.99 2.27
C GLY A 541 6.03 -33.71 2.53
N LYS A 542 7.14 -32.99 2.41
CA LYS A 542 8.46 -33.57 2.63
C LYS A 542 8.85 -33.48 4.10
N GLU A 543 9.86 -34.23 4.50
CA GLU A 543 10.31 -34.21 5.89
C GLU A 543 11.41 -33.16 6.09
N TYR A 544 11.89 -32.57 5.00
CA TYR A 544 12.92 -31.53 5.09
C TYR A 544 12.91 -30.60 3.87
N ILE A 545 12.59 -29.33 4.11
CA ILE A 545 12.54 -28.32 3.06
C ILE A 545 13.47 -27.18 3.43
N VAL A 546 14.27 -26.71 2.47
CA VAL A 546 15.17 -25.59 2.71
C VAL A 546 15.00 -24.57 1.59
N SER A 547 15.57 -23.38 1.80
CA SER A 547 15.66 -22.40 0.74
C SER A 547 17.12 -22.21 0.38
N HIS A 548 17.40 -21.35 -0.58
CA HIS A 548 18.77 -21.15 -1.02
C HIS A 548 18.96 -19.77 -1.61
N THR A 549 20.22 -19.37 -1.73
CA THR A 549 20.58 -18.15 -2.45
C THR A 549 22.04 -18.19 -2.82
N ASP A 550 22.45 -17.32 -3.72
CA ASP A 550 23.87 -17.18 -4.06
C ASP A 550 24.45 -15.90 -3.43
N PHE A 551 25.65 -16.00 -2.88
CA PHE A 551 26.42 -14.82 -2.49
C PHE A 551 27.39 -14.57 -3.63
N ALA A 552 27.03 -13.68 -4.54
CA ALA A 552 27.87 -13.39 -5.71
C ALA A 552 28.67 -12.09 -5.55
N ILE A 553 29.88 -12.09 -6.10
CA ILE A 553 30.80 -10.94 -6.02
C ILE A 553 30.18 -9.55 -6.31
N PRO A 554 29.33 -9.43 -7.35
CA PRO A 554 28.77 -8.09 -7.60
C PRO A 554 27.95 -7.52 -6.44
N ASP A 555 27.33 -8.39 -5.65
CA ASP A 555 26.50 -7.95 -4.53
C ASP A 555 27.22 -8.07 -3.18
N TYR A 556 28.15 -9.02 -3.09
CA TYR A 556 28.81 -9.28 -1.81
C TYR A 556 30.25 -8.83 -1.74
N GLY A 557 30.85 -8.50 -2.87
CA GLY A 557 32.27 -8.20 -2.90
C GLY A 557 33.01 -9.43 -2.41
N ASP A 558 34.05 -9.21 -1.62
CA ASP A 558 34.82 -10.32 -1.05
C ASP A 558 34.40 -10.67 0.39
N SER A 559 33.23 -10.21 0.80
CA SER A 559 32.72 -10.59 2.12
C SER A 559 32.73 -12.11 2.41
N PRO A 560 32.42 -12.97 1.40
CA PRO A 560 32.44 -14.40 1.74
C PRO A 560 33.80 -15.06 1.58
N LEU A 561 34.84 -14.30 1.22
CA LEU A 561 36.15 -14.89 0.93
C LEU A 561 36.78 -15.60 2.12
N ALA A 562 36.75 -14.97 3.29
CA ALA A 562 37.32 -15.61 4.48
C ALA A 562 36.61 -16.92 4.79
N PHE A 563 35.30 -16.94 4.57
CA PHE A 563 34.53 -18.15 4.77
C PHE A 563 34.96 -19.27 3.82
N VAL A 564 35.03 -18.96 2.54
CA VAL A 564 35.35 -20.01 1.56
C VAL A 564 36.79 -20.47 1.77
N GLU A 565 37.66 -19.56 2.19
CA GLU A 565 39.06 -19.92 2.47
C GLU A 565 39.15 -20.82 3.69
N SER A 566 38.23 -20.66 4.63
CA SER A 566 38.23 -21.50 5.83
C SER A 566 37.85 -22.93 5.48
N LEU A 567 37.19 -23.12 4.35
CA LEU A 567 36.77 -24.45 3.91
C LEU A 567 37.85 -25.11 3.04
N GLY A 568 38.88 -24.34 2.70
CA GLY A 568 39.99 -24.88 1.93
C GLY A 568 40.06 -24.37 0.50
N PHE A 569 39.18 -23.44 0.15
CA PHE A 569 39.21 -22.86 -1.18
C PHE A 569 40.21 -21.72 -1.25
N SER A 570 40.79 -21.51 -2.43
CA SER A 570 41.72 -20.40 -2.62
C SER A 570 40.99 -19.17 -3.12
N GLU A 571 41.62 -18.00 -2.95
CA GLU A 571 41.07 -16.76 -3.48
C GLU A 571 40.93 -16.86 -5.00
N VAL A 572 41.89 -17.53 -5.62
CA VAL A 572 41.83 -17.81 -7.06
C VAL A 572 40.55 -18.58 -7.40
N GLU A 573 40.24 -19.57 -6.57
CA GLU A 573 39.06 -20.38 -6.75
C GLU A 573 37.79 -19.54 -6.56
N TRP A 574 37.83 -18.66 -5.57
CA TRP A 574 36.71 -17.76 -5.29
C TRP A 574 36.37 -16.87 -6.49
N ARG A 575 37.38 -16.34 -7.16
CA ARG A 575 37.15 -15.44 -8.30
C ARG A 575 36.71 -16.21 -9.55
N HIS A 576 37.23 -17.42 -9.71
CA HIS A 576 36.85 -18.29 -10.83
C HIS A 576 35.36 -18.64 -10.76
N ALA A 577 34.88 -18.97 -9.57
CA ALA A 577 33.46 -19.25 -9.37
C ALA A 577 32.62 -17.97 -9.35
N GLY A 578 33.11 -16.96 -8.66
CA GLY A 578 32.43 -15.67 -8.62
C GLY A 578 31.24 -15.64 -7.68
N LYS A 579 30.99 -16.75 -7.00
CA LYS A 579 29.87 -16.83 -6.05
C LYS A 579 30.03 -18.03 -5.14
N VAL A 580 29.21 -18.09 -4.10
CA VAL A 580 29.07 -19.30 -3.29
C VAL A 580 27.57 -19.49 -3.02
N THR A 581 27.09 -20.70 -3.27
CA THR A 581 25.67 -21.02 -3.09
C THR A 581 25.42 -21.39 -1.64
N ILE A 582 24.37 -20.82 -1.05
CA ILE A 582 24.11 -20.95 0.39
C ILE A 582 22.74 -21.54 0.69
N ILE A 583 22.69 -22.54 1.56
CA ILE A 583 21.40 -23.07 2.00
C ILE A 583 20.84 -22.16 3.10
N ARG A 584 19.61 -21.69 2.90
CA ARG A 584 19.03 -20.61 3.71
C ARG A 584 17.87 -21.04 4.60
N ALA A 585 17.87 -20.55 5.85
CA ALA A 585 16.72 -20.67 6.73
C ALA A 585 16.45 -19.36 7.45
N SER A 586 15.17 -18.98 7.54
CA SER A 586 14.74 -17.92 8.43
C SER A 586 13.84 -18.58 9.46
N VAL A 587 14.37 -18.84 10.64
CA VAL A 587 13.62 -19.62 11.63
C VAL A 587 12.60 -18.73 12.35
N MET A 588 11.47 -18.50 11.69
CA MET A 588 10.43 -17.61 12.21
C MET A 588 9.42 -18.36 13.07
N THR A 589 9.32 -19.68 12.91
CA THR A 589 8.41 -20.44 13.75
C THR A 589 8.74 -20.25 15.23
N PRO A 590 7.71 -20.19 16.07
CA PRO A 590 7.95 -20.06 17.51
C PRO A 590 8.02 -21.43 18.19
N TYR A 591 7.86 -22.51 17.43
CA TYR A 591 7.64 -23.82 18.03
C TYR A 591 8.92 -24.62 18.27
N MET A 592 10.04 -24.12 17.76
CA MET A 592 11.30 -24.86 17.89
C MET A 592 12.16 -24.39 19.06
N ASN A 593 11.60 -23.56 19.93
CA ASN A 593 12.33 -23.08 21.09
C ASN A 593 12.47 -24.16 22.16
N GLN A 594 11.46 -25.01 22.27
CA GLN A 594 11.48 -26.09 23.26
C GLN A 594 12.40 -27.23 22.82
N ARG A 595 13.24 -27.70 23.75
CA ARG A 595 14.19 -28.77 23.44
C ARG A 595 13.47 -30.03 22.96
N GLU A 596 12.40 -30.40 23.66
CA GLU A 596 11.63 -31.60 23.33
C GLU A 596 11.16 -31.58 21.89
N ASN A 597 10.73 -30.40 21.45
CA ASN A 597 10.18 -30.25 20.13
C ASN A 597 11.26 -30.36 19.05
N PHE A 598 12.38 -29.69 19.27
CA PHE A 598 13.44 -29.73 18.27
C PHE A 598 14.14 -31.09 18.25
N ASP A 599 14.36 -31.67 19.43
CA ASP A 599 15.09 -32.93 19.52
C ASP A 599 14.30 -34.07 18.88
N TYR A 600 12.98 -33.92 18.83
CA TYR A 600 12.14 -34.87 18.11
C TYR A 600 12.49 -34.86 16.62
N PHE A 601 12.73 -33.68 16.08
CA PHE A 601 12.97 -33.57 14.63
C PHE A 601 14.42 -33.80 14.21
N ALA A 602 15.36 -33.51 15.12
CA ALA A 602 16.79 -33.64 14.81
C ALA A 602 17.18 -34.94 14.07
N PRO A 603 16.86 -36.13 14.64
CA PRO A 603 17.24 -37.33 13.89
C PRO A 603 16.49 -37.49 12.57
N ARG A 604 15.29 -36.90 12.46
CA ARG A 604 14.49 -37.02 11.25
C ARG A 604 15.03 -36.11 10.14
N ILE A 605 15.53 -34.95 10.54
CA ILE A 605 16.19 -34.04 9.62
C ILE A 605 17.45 -34.70 9.10
N LYS A 606 18.23 -35.28 10.02
CA LYS A 606 19.47 -35.94 9.67
C LYS A 606 19.21 -37.04 8.63
N LYS A 607 18.17 -37.84 8.87
CA LYS A 607 17.80 -38.90 7.95
C LYS A 607 17.36 -38.36 6.58
N ALA A 608 16.61 -37.28 6.59
CA ALA A 608 16.16 -36.63 5.36
C ALA A 608 17.34 -36.12 4.53
N ILE A 609 18.29 -35.47 5.19
CA ILE A 609 19.47 -34.95 4.50
C ILE A 609 20.29 -36.09 3.92
N GLN A 610 20.46 -37.16 4.70
CA GLN A 610 21.18 -38.35 4.23
C GLN A 610 20.53 -38.88 2.96
N ALA A 611 19.19 -38.99 2.99
CA ALA A 611 18.42 -39.51 1.88
C ALA A 611 18.51 -38.60 0.64
N ASP A 612 18.42 -37.29 0.86
CA ASP A 612 18.53 -36.32 -0.24
C ASP A 612 19.90 -36.35 -0.91
N LEU A 613 20.95 -36.43 -0.09
CA LEU A 613 22.32 -36.51 -0.60
C LEU A 613 22.52 -37.76 -1.46
N GLU A 614 21.91 -38.87 -1.06
CA GLU A 614 22.02 -40.09 -1.83
C GLU A 614 21.40 -39.95 -3.23
N LYS A 615 20.21 -39.35 -3.29
CA LYS A 615 19.57 -39.09 -4.58
C LYS A 615 20.43 -38.19 -5.46
N VAL A 616 21.02 -37.16 -4.85
CA VAL A 616 21.89 -36.23 -5.56
C VAL A 616 23.04 -36.98 -6.24
N TYR A 617 23.75 -37.79 -5.47
CA TYR A 617 24.91 -38.52 -5.98
C TYR A 617 24.53 -39.66 -6.93
N ALA A 618 23.35 -40.25 -6.71
CA ALA A 618 22.84 -41.29 -7.59
C ALA A 618 22.62 -40.77 -9.01
N SER A 619 21.98 -39.60 -9.12
CA SER A 619 21.74 -38.98 -10.43
C SER A 619 23.03 -38.48 -11.11
N VAL A 620 24.17 -38.98 -10.64
CA VAL A 620 25.43 -38.96 -11.38
C VAL A 620 26.31 -40.13 -10.95
N ARG B 6 -26.31 -17.32 -18.51
CA ARG B 6 -25.04 -17.14 -19.20
C ARG B 6 -24.73 -15.65 -19.34
N SER B 7 -25.74 -14.88 -19.75
CA SER B 7 -25.62 -13.45 -19.89
C SER B 7 -25.95 -12.72 -18.59
N LEU B 8 -26.23 -13.49 -17.53
CA LEU B 8 -26.50 -12.94 -16.21
C LEU B 8 -27.65 -11.93 -16.21
N LYS B 9 -28.61 -12.13 -17.11
CA LYS B 9 -29.70 -11.17 -17.33
C LYS B 9 -30.47 -10.82 -16.06
N ASP B 10 -30.70 -11.79 -15.18
CA ASP B 10 -31.46 -11.56 -13.96
C ASP B 10 -30.58 -11.50 -12.71
N LEU B 11 -29.31 -11.18 -12.88
CA LEU B 11 -28.42 -11.01 -11.71
C LEU B 11 -29.07 -10.01 -10.74
N ASP B 12 -29.17 -10.41 -9.48
CA ASP B 12 -29.84 -9.60 -8.47
C ASP B 12 -28.81 -9.01 -7.51
N LEU B 13 -28.60 -7.70 -7.61
CA LEU B 13 -27.61 -7.03 -6.75
C LEU B 13 -27.91 -7.18 -5.25
N ASN B 14 -29.18 -7.38 -4.90
CA ASN B 14 -29.55 -7.56 -3.49
C ASN B 14 -28.85 -8.73 -2.82
N ALA B 15 -28.41 -9.71 -3.62
CA ALA B 15 -27.77 -10.91 -3.07
C ALA B 15 -26.28 -10.73 -2.84
N LEU B 16 -25.74 -9.59 -3.25
CA LEU B 16 -24.29 -9.42 -3.28
C LEU B 16 -23.68 -8.56 -2.17
N PHE B 17 -24.49 -8.15 -1.21
CA PHE B 17 -24.05 -7.29 -0.11
C PHE B 17 -24.57 -7.82 1.20
N ILE B 18 -23.84 -7.59 2.29
CA ILE B 18 -24.34 -7.92 3.63
C ILE B 18 -25.65 -7.16 3.88
N GLY B 19 -25.70 -5.92 3.42
CA GLY B 19 -26.91 -5.11 3.54
C GLY B 19 -26.78 -4.06 4.63
N ASP B 20 -27.50 -2.95 4.48
CA ASP B 20 -27.43 -1.86 5.44
C ASP B 20 -27.84 -2.29 6.86
N LYS B 21 -28.72 -3.29 6.94
CA LYS B 21 -29.17 -3.82 8.22
C LYS B 21 -28.74 -5.27 8.45
N ALA B 22 -27.70 -5.69 7.75
CA ALA B 22 -27.21 -7.07 7.76
C ALA B 22 -28.31 -8.06 7.43
N GLU B 23 -29.19 -7.69 6.50
CA GLU B 23 -30.25 -8.59 6.03
C GLU B 23 -29.68 -9.91 5.53
N ASN B 24 -28.51 -9.86 4.91
CA ASN B 24 -27.86 -11.04 4.36
C ASN B 24 -26.75 -11.58 5.24
N GLY B 25 -26.79 -11.22 6.52
CA GLY B 25 -25.78 -11.65 7.47
C GLY B 25 -25.57 -13.14 7.59
N GLN B 26 -26.66 -13.91 7.63
CA GLN B 26 -26.52 -15.37 7.77
C GLN B 26 -25.86 -15.99 6.53
N LEU B 27 -26.22 -15.49 5.35
CA LEU B 27 -25.56 -15.94 4.13
C LEU B 27 -24.05 -15.67 4.18
N TYR B 28 -23.66 -14.48 4.63
CA TYR B 28 -22.25 -14.16 4.74
C TYR B 28 -21.56 -15.15 5.68
N LYS B 29 -22.19 -15.38 6.84
CA LYS B 29 -21.61 -16.32 7.80
C LYS B 29 -21.50 -17.73 7.25
N ASP B 30 -22.54 -18.19 6.55
CA ASP B 30 -22.52 -19.55 5.99
C ASP B 30 -21.39 -19.71 4.99
N LEU B 31 -21.26 -18.74 4.08
CA LEU B 31 -20.18 -18.78 3.09
C LEU B 31 -18.80 -18.66 3.72
N LEU B 32 -18.69 -17.83 4.75
CA LEU B 32 -17.41 -17.63 5.45
C LEU B 32 -16.96 -18.90 6.14
N ASN B 33 -17.89 -19.55 6.83
CA ASN B 33 -17.55 -20.77 7.54
C ASN B 33 -17.16 -21.90 6.61
N LYS B 34 -17.80 -21.97 5.46
CA LYS B 34 -17.43 -22.95 4.44
C LYS B 34 -15.98 -22.72 4.01
N LEU B 35 -15.64 -21.47 3.71
CA LEU B 35 -14.28 -21.12 3.28
C LEU B 35 -13.25 -21.41 4.39
N VAL B 36 -13.54 -20.99 5.62
CA VAL B 36 -12.61 -21.20 6.71
C VAL B 36 -12.40 -22.71 6.94
N ASP B 37 -13.48 -23.47 6.89
CA ASP B 37 -13.38 -24.92 7.04
C ASP B 37 -12.46 -25.50 5.96
N GLU B 38 -12.59 -24.99 4.74
CA GLU B 38 -11.78 -25.46 3.62
C GLU B 38 -10.30 -25.18 3.81
N HIS B 39 -9.98 -24.01 4.36
CA HIS B 39 -8.59 -23.70 4.66
C HIS B 39 -8.06 -24.57 5.80
N LEU B 40 -8.82 -24.67 6.89
CA LEU B 40 -8.37 -25.42 8.05
C LEU B 40 -8.13 -26.89 7.70
N GLY B 41 -9.01 -27.45 6.88
CA GLY B 41 -8.89 -28.85 6.48
C GLY B 41 -7.67 -29.02 5.61
N TRP B 42 -7.34 -27.96 4.89
CA TRP B 42 -6.16 -27.98 4.04
C TRP B 42 -4.86 -28.02 4.85
N ARG B 43 -4.80 -27.30 5.96
CA ARG B 43 -3.63 -27.38 6.84
C ARG B 43 -3.46 -28.76 7.46
N LYS B 44 -4.58 -29.42 7.72
CA LYS B 44 -4.57 -30.71 8.40
C LYS B 44 -4.15 -31.85 7.47
N ASN B 45 -4.29 -31.64 6.17
CA ASN B 45 -3.84 -32.62 5.19
C ASN B 45 -2.34 -32.87 5.33
N SER B 49 1.46 -38.27 10.63
CA SER B 49 2.26 -39.18 11.46
C SER B 49 3.12 -38.40 12.45
N ASP B 50 3.51 -37.18 12.07
CA ASP B 50 4.14 -36.24 13.00
C ASP B 50 3.19 -35.95 14.17
N PRO B 51 3.75 -35.62 15.35
CA PRO B 51 2.88 -35.20 16.44
C PRO B 51 2.55 -33.73 16.30
N ASN B 52 1.48 -33.29 16.94
CA ASN B 52 1.15 -31.87 16.94
C ASN B 52 1.98 -31.14 17.99
N MET B 53 2.50 -29.99 17.60
CA MET B 53 3.32 -29.17 18.47
C MET B 53 2.47 -28.54 19.56
N ILE B 54 1.21 -28.30 19.23
CA ILE B 54 0.23 -27.85 20.21
C ILE B 54 -0.65 -29.03 20.58
N GLY B 55 -0.33 -29.69 21.69
CA GLY B 55 -1.08 -30.85 22.15
C GLY B 55 -2.28 -30.51 23.01
N PRO B 56 -3.17 -31.49 23.24
CA PRO B 56 -4.38 -31.32 24.05
C PRO B 56 -4.04 -30.98 25.51
N GLU B 57 -2.88 -31.42 25.96
CA GLU B 57 -2.39 -31.12 27.31
C GLU B 57 -1.94 -29.66 27.40
N ASP B 58 -1.39 -29.15 26.31
CA ASP B 58 -1.07 -27.73 26.20
C ASP B 58 -2.34 -26.90 26.29
N GLN B 59 -3.32 -27.24 25.45
CA GLN B 59 -4.56 -26.47 25.32
C GLN B 59 -5.40 -26.49 26.59
N ASN B 60 -5.20 -27.52 27.42
CA ASN B 60 -5.98 -27.60 28.65
C ASN B 60 -5.20 -27.13 29.88
N SER B 61 -3.96 -26.74 29.67
CA SER B 61 -3.16 -26.18 30.75
C SER B 61 -3.70 -24.82 31.18
N PRO B 62 -3.53 -24.47 32.46
CA PRO B 62 -4.02 -23.19 32.99
C PRO B 62 -3.44 -21.98 32.27
N ALA B 63 -2.15 -22.01 31.93
CA ALA B 63 -1.52 -20.89 31.24
C ALA B 63 -2.12 -20.64 29.84
N PHE B 64 -2.44 -21.73 29.14
CA PHE B 64 -3.05 -21.65 27.82
C PHE B 64 -4.43 -20.97 27.93
N LYS B 65 -5.25 -21.43 28.87
CA LYS B 65 -6.58 -20.87 29.06
C LYS B 65 -6.51 -19.40 29.47
N LYS B 66 -5.54 -19.07 30.30
CA LYS B 66 -5.32 -17.70 30.74
C LYS B 66 -4.95 -16.82 29.54
N THR B 67 -4.15 -17.36 28.62
CA THR B 67 -3.72 -16.60 27.44
C THR B 67 -4.88 -16.37 26.47
N VAL B 68 -5.69 -17.40 26.28
CA VAL B 68 -6.91 -17.27 25.49
C VAL B 68 -7.80 -16.17 26.06
N GLY B 69 -7.94 -16.13 27.38
CA GLY B 69 -8.73 -15.10 28.02
C GLY B 69 -8.14 -13.72 27.81
N HIS B 70 -6.81 -13.65 27.78
CA HIS B 70 -6.11 -12.40 27.50
C HIS B 70 -6.42 -11.94 26.08
N MET B 71 -6.33 -12.86 25.13
CA MET B 71 -6.67 -12.55 23.74
C MET B 71 -8.10 -12.04 23.62
N LYS B 72 -9.02 -12.68 24.34
CA LYS B 72 -10.42 -12.31 24.27
C LYS B 72 -10.65 -10.92 24.83
N THR B 73 -9.93 -10.58 25.88
CA THR B 73 -10.02 -9.25 26.47
C THR B 73 -9.56 -8.19 25.49
N VAL B 74 -8.46 -8.48 24.78
CA VAL B 74 -7.97 -7.55 23.76
C VAL B 74 -9.00 -7.39 22.64
N LEU B 75 -9.57 -8.49 22.17
CA LEU B 75 -10.54 -8.40 21.09
C LEU B 75 -11.81 -7.70 21.58
N ASP B 76 -12.13 -7.87 22.86
CA ASP B 76 -13.29 -7.14 23.41
C ASP B 76 -13.06 -5.63 23.45
N GLN B 77 -11.84 -5.21 23.75
CA GLN B 77 -11.47 -3.79 23.73
C GLN B 77 -11.53 -3.26 22.32
N LEU B 78 -11.01 -4.06 21.38
CA LEU B 78 -11.04 -3.69 19.96
C LEU B 78 -12.49 -3.49 19.55
N SER B 79 -13.33 -4.44 19.94
CA SER B 79 -14.72 -4.42 19.54
C SER B 79 -15.44 -3.19 20.08
N GLU B 80 -15.22 -2.87 21.36
CA GLU B 80 -15.84 -1.70 21.97
C GLU B 80 -15.49 -0.41 21.24
N ARG B 81 -14.21 -0.23 20.94
CA ARG B 81 -13.76 0.95 20.23
C ARG B 81 -14.44 1.06 18.87
N ILE B 82 -14.40 0.00 18.08
CA ILE B 82 -14.90 0.08 16.72
C ILE B 82 -16.41 0.28 16.68
N ARG B 83 -17.12 -0.37 17.59
CA ARG B 83 -18.59 -0.22 17.62
C ARG B 83 -19.04 1.13 18.14
N THR B 84 -18.34 1.66 19.15
CA THR B 84 -18.83 2.85 19.84
C THR B 84 -18.13 4.16 19.47
N GLU B 85 -16.89 4.05 18.98
CA GLU B 85 -16.19 5.22 18.45
C GLU B 85 -16.42 5.19 16.95
N SER B 86 -17.66 5.42 16.56
CA SER B 86 -18.09 5.13 15.22
C SER B 86 -19.06 6.19 14.78
N VAL B 87 -19.17 6.32 13.47
CA VAL B 87 -20.23 7.06 12.85
C VAL B 87 -21.25 6.00 12.44
N PRO B 88 -22.55 6.27 12.62
CA PRO B 88 -23.53 5.22 12.28
C PRO B 88 -23.43 4.75 10.82
N TRP B 89 -23.80 3.49 10.60
CA TRP B 89 -23.73 2.89 9.26
C TRP B 89 -24.67 3.62 8.31
N HIS B 90 -24.28 3.74 7.04
CA HIS B 90 -25.10 4.48 6.08
C HIS B 90 -26.41 3.75 5.80
N SER B 91 -27.50 4.51 5.83
CA SER B 91 -28.81 3.93 5.58
C SER B 91 -29.34 4.50 4.29
N ALA B 92 -29.56 3.64 3.29
CA ALA B 92 -30.05 4.11 1.98
C ALA B 92 -31.36 4.85 2.16
N GLY B 93 -31.51 5.96 1.45
CA GLY B 93 -32.71 6.75 1.58
C GLY B 93 -32.57 7.88 2.60
N ARG B 94 -31.68 7.69 3.57
CA ARG B 94 -31.40 8.73 4.56
C ARG B 94 -30.02 9.34 4.37
N TYR B 95 -29.05 8.49 4.03
CA TYR B 95 -27.68 8.96 3.82
C TYR B 95 -27.47 9.50 2.41
N TRP B 96 -27.24 10.80 2.31
CA TRP B 96 -26.97 11.43 1.03
C TRP B 96 -25.69 12.23 1.12
N GLY B 97 -24.67 11.62 1.72
CA GLY B 97 -23.34 12.22 1.80
C GLY B 97 -22.36 11.70 0.77
N HIS B 98 -21.09 12.01 0.96
CA HIS B 98 -20.06 11.78 -0.08
C HIS B 98 -19.29 10.46 0.01
N MET B 99 -19.56 9.65 1.04
CA MET B 99 -18.78 8.44 1.29
C MET B 99 -19.57 7.15 1.13
N ASN B 100 -18.84 6.03 1.05
CA ASN B 100 -19.47 4.71 1.09
C ASN B 100 -18.52 3.74 1.76
N SER B 101 -19.07 2.84 2.56
CA SER B 101 -18.22 1.80 3.16
C SER B 101 -18.69 0.39 2.81
N GLU B 102 -19.90 0.26 2.29
CA GLU B 102 -20.41 -1.07 1.91
C GLU B 102 -19.54 -1.71 0.82
N THR B 103 -19.35 -3.03 0.91
CA THR B 103 -18.49 -3.74 -0.03
C THR B 103 -19.21 -4.96 -0.57
N LEU B 104 -18.76 -5.45 -1.72
CA LEU B 104 -19.30 -6.69 -2.29
C LEU B 104 -18.95 -7.88 -1.40
N MET B 105 -19.96 -8.68 -1.04
CA MET B 105 -19.74 -9.85 -0.20
C MET B 105 -18.68 -10.83 -0.74
N PRO B 106 -18.70 -11.11 -2.07
CA PRO B 106 -17.64 -12.02 -2.52
C PRO B 106 -16.22 -11.47 -2.33
N ALA B 107 -16.05 -10.16 -2.40
CA ALA B 107 -14.74 -9.56 -2.18
C ALA B 107 -14.29 -9.72 -0.72
N LEU B 108 -15.21 -9.51 0.22
CA LEU B 108 -14.91 -9.71 1.63
C LEU B 108 -14.53 -11.14 1.90
N LEU B 109 -15.33 -12.06 1.39
CA LEU B 109 -15.17 -13.50 1.64
C LEU B 109 -13.85 -14.00 1.05
N ALA B 110 -13.53 -13.52 -0.14
CA ALA B 110 -12.28 -13.89 -0.79
C ALA B 110 -11.08 -13.43 0.02
N TYR B 111 -11.15 -12.21 0.54
CA TYR B 111 -10.05 -11.71 1.35
C TYR B 111 -9.92 -12.56 2.62
N ASN B 112 -11.04 -12.80 3.28
CA ASN B 112 -11.10 -13.60 4.50
C ASN B 112 -10.40 -14.93 4.32
N TYR B 113 -10.69 -15.57 3.21
CA TYR B 113 -10.15 -16.90 2.91
C TYR B 113 -8.68 -16.83 2.51
N ALA B 114 -8.38 -16.00 1.52
CA ALA B 114 -7.01 -15.94 1.02
C ALA B 114 -6.00 -15.50 2.07
N MET B 115 -6.38 -14.59 2.97
CA MET B 115 -5.41 -14.05 3.91
C MET B 115 -4.93 -15.12 4.89
N LEU B 116 -5.68 -16.20 5.01
CA LEU B 116 -5.28 -17.33 5.85
C LEU B 116 -3.99 -17.99 5.36
N TRP B 117 -3.73 -17.90 4.05
CA TRP B 117 -2.47 -18.37 3.49
C TRP B 117 -1.34 -17.36 3.66
N ASN B 118 -1.71 -16.09 3.84
CA ASN B 118 -0.75 -15.00 4.02
C ASN B 118 0.26 -14.92 2.89
N GLY B 119 -0.20 -15.12 1.66
CA GLY B 119 0.66 -15.02 0.50
C GLY B 119 1.08 -13.60 0.18
N ASN B 120 2.24 -13.47 -0.43
CA ASN B 120 2.77 -12.19 -0.88
C ASN B 120 2.94 -12.29 -2.40
N ASN B 121 2.29 -11.38 -3.13
CA ASN B 121 2.21 -11.49 -4.58
C ASN B 121 3.47 -11.04 -5.35
N VAL B 122 4.48 -10.55 -4.64
CA VAL B 122 5.74 -10.24 -5.30
C VAL B 122 6.64 -11.47 -5.27
N ALA B 123 6.39 -12.35 -4.31
CA ALA B 123 7.06 -13.63 -4.26
C ALA B 123 6.11 -14.73 -4.73
N TYR B 124 6.16 -15.06 -6.02
CA TYR B 124 5.26 -16.03 -6.64
C TYR B 124 5.21 -17.35 -5.85
N GLU B 125 6.37 -17.87 -5.47
CA GLU B 125 6.50 -19.07 -4.64
C GLU B 125 5.61 -19.01 -3.40
N SER B 126 5.51 -17.81 -2.84
CA SER B 126 4.67 -17.59 -1.67
C SER B 126 3.19 -17.62 -2.02
N SER B 127 2.86 -17.42 -3.30
CA SER B 127 1.48 -17.13 -3.69
C SER B 127 1.10 -17.40 -5.16
N PRO B 128 1.25 -18.64 -5.63
CA PRO B 128 1.00 -18.87 -7.07
C PRO B 128 -0.45 -18.65 -7.56
N ALA B 129 -1.46 -19.10 -6.83
CA ALA B 129 -2.84 -18.87 -7.26
C ALA B 129 -3.21 -17.39 -7.25
N THR B 130 -2.86 -16.69 -6.18
CA THR B 130 -3.23 -15.28 -6.09
C THR B 130 -2.38 -14.44 -7.03
N SER B 131 -1.19 -14.93 -7.38
CA SER B 131 -0.40 -14.24 -8.39
C SER B 131 -1.04 -14.34 -9.77
N GLN B 132 -1.56 -15.52 -10.11
CA GLN B 132 -2.29 -15.69 -11.35
C GLN B 132 -3.53 -14.81 -11.32
N MET B 133 -4.16 -14.72 -10.15
CA MET B 133 -5.37 -13.92 -10.05
C MET B 133 -5.08 -12.45 -10.31
N GLU B 134 -3.95 -11.96 -9.81
CA GLU B 134 -3.60 -10.55 -10.08
C GLU B 134 -3.28 -10.31 -11.56
N GLU B 135 -2.63 -11.28 -12.21
CA GLU B 135 -2.41 -11.18 -13.65
C GLU B 135 -3.75 -11.11 -14.38
N GLU B 136 -4.69 -11.98 -14.00
CA GLU B 136 -6.01 -11.95 -14.60
C GLU B 136 -6.73 -10.64 -14.34
N VAL B 137 -6.56 -10.09 -13.13
CA VAL B 137 -7.15 -8.78 -12.82
C VAL B 137 -6.56 -7.70 -13.72
N GLY B 138 -5.25 -7.74 -13.92
CA GLY B 138 -4.61 -6.80 -14.83
C GLY B 138 -5.15 -6.91 -16.25
N GLN B 139 -5.35 -8.14 -16.73
CA GLN B 139 -5.92 -8.35 -18.06
C GLN B 139 -7.35 -7.84 -18.11
N GLU B 140 -8.10 -8.04 -17.03
CA GLU B 140 -9.47 -7.57 -16.95
C GLU B 140 -9.54 -6.06 -17.02
N PHE B 141 -8.63 -5.39 -16.32
CA PHE B 141 -8.50 -3.93 -16.42
C PHE B 141 -8.20 -3.51 -17.86
N ALA B 142 -7.22 -4.17 -18.48
CA ALA B 142 -6.83 -3.82 -19.86
C ALA B 142 -8.02 -3.97 -20.82
N ARG B 143 -8.78 -5.04 -20.64
CA ARG B 143 -9.97 -5.26 -21.46
C ARG B 143 -11.07 -4.22 -21.22
N LEU B 144 -11.29 -3.86 -19.96
CA LEU B 144 -12.28 -2.81 -19.66
C LEU B 144 -11.95 -1.52 -20.39
N MET B 145 -10.67 -1.24 -20.51
CA MET B 145 -10.20 0.02 -21.05
C MET B 145 -9.97 -0.03 -22.56
N GLY B 146 -10.19 -1.18 -23.18
CA GLY B 146 -10.09 -1.31 -24.62
C GLY B 146 -8.66 -1.37 -25.11
N TYR B 147 -7.75 -1.76 -24.22
CA TYR B 147 -6.33 -1.82 -24.54
C TYR B 147 -6.00 -3.20 -25.09
N ASP B 148 -5.83 -3.33 -26.41
CA ASP B 148 -5.60 -4.66 -26.97
C ASP B 148 -4.24 -5.25 -26.58
N TYR B 149 -3.29 -4.39 -26.26
CA TYR B 149 -1.92 -4.80 -26.02
C TYR B 149 -1.42 -4.31 -24.68
N GLY B 150 -2.35 -4.10 -23.76
CA GLY B 150 -2.04 -3.47 -22.49
C GLY B 150 -1.86 -4.41 -21.32
N TRP B 151 -1.81 -3.83 -20.13
CA TRP B 151 -1.60 -4.60 -18.92
C TRP B 151 -2.06 -3.74 -17.75
N GLY B 152 -1.98 -4.27 -16.54
CA GLY B 152 -2.34 -3.52 -15.36
C GLY B 152 -2.05 -4.32 -14.11
N HIS B 153 -2.17 -3.68 -12.96
CA HIS B 153 -2.02 -4.40 -11.70
C HIS B 153 -2.73 -3.65 -10.58
N ILE B 154 -2.84 -4.30 -9.43
CA ILE B 154 -3.43 -3.67 -8.27
C ILE B 154 -2.35 -2.82 -7.59
N VAL B 155 -2.75 -1.64 -7.10
CA VAL B 155 -1.84 -0.71 -6.43
C VAL B 155 -2.41 -0.49 -5.04
N ALA B 156 -1.58 -0.11 -4.07
CA ALA B 156 -2.08 0.08 -2.71
C ALA B 156 -3.23 1.08 -2.63
N ASP B 157 -3.13 2.18 -3.39
CA ASP B 157 -4.23 3.12 -3.47
C ASP B 157 -4.13 3.93 -4.75
N GLY B 158 -5.14 4.75 -5.02
CA GLY B 158 -5.15 5.54 -6.24
C GLY B 158 -4.09 6.63 -6.31
N SER B 159 -3.68 7.15 -5.15
CA SER B 159 -2.70 8.22 -5.17
C SER B 159 -1.36 7.63 -5.59
N LEU B 160 -1.09 6.40 -5.17
CA LEU B 160 0.10 5.66 -5.60
C LEU B 160 -0.02 5.23 -7.06
N ALA B 161 -1.23 4.91 -7.51
CA ALA B 161 -1.44 4.60 -8.92
C ALA B 161 -1.11 5.83 -9.77
N ASN B 162 -1.56 7.00 -9.33
CA ASN B 162 -1.22 8.24 -10.03
C ASN B 162 0.28 8.49 -10.05
N LEU B 163 0.95 8.23 -8.92
CA LEU B 163 2.39 8.42 -8.82
C LEU B 163 3.11 7.52 -9.81
N GLU B 164 2.63 6.29 -9.91
CA GLU B 164 3.19 5.33 -10.86
C GLU B 164 2.98 5.79 -12.31
N GLY B 165 1.82 6.38 -12.58
CA GLY B 165 1.55 6.93 -13.91
C GLY B 165 2.54 8.03 -14.24
N LEU B 166 2.81 8.89 -13.28
CA LEU B 166 3.81 9.94 -13.48
C LEU B 166 5.22 9.38 -13.63
N TRP B 167 5.54 8.32 -12.88
CA TRP B 167 6.83 7.63 -13.01
C TRP B 167 7.01 7.13 -14.45
N TYR B 168 5.96 6.50 -14.97
CA TYR B 168 5.94 6.09 -16.39
C TYR B 168 6.19 7.27 -17.33
N ALA B 169 5.41 8.34 -17.19
CA ALA B 169 5.53 9.48 -18.11
C ALA B 169 6.91 10.09 -18.04
N ARG B 170 7.41 10.26 -16.81
CA ARG B 170 8.74 10.80 -16.58
C ARG B 170 9.83 9.96 -17.25
N ASN B 171 9.84 8.66 -16.98
CA ASN B 171 10.83 7.79 -17.61
C ASN B 171 10.70 7.74 -19.13
N ILE B 172 9.47 7.60 -19.61
CA ILE B 172 9.23 7.52 -21.06
C ILE B 172 9.67 8.79 -21.80
N LYS B 173 9.39 9.95 -21.22
CA LYS B 173 9.79 11.22 -21.83
C LYS B 173 11.30 11.28 -22.02
N SER B 174 12.03 10.66 -21.08
CA SER B 174 13.49 10.76 -21.06
C SER B 174 14.19 9.75 -21.97
N LEU B 175 13.44 8.79 -22.50
CA LEU B 175 14.05 7.70 -23.25
C LEU B 175 14.67 8.09 -24.60
N PRO B 176 14.04 9.00 -25.37
CA PRO B 176 14.70 9.37 -26.61
C PRO B 176 16.12 9.91 -26.42
N PHE B 177 16.34 10.77 -25.43
CA PHE B 177 17.68 11.26 -25.17
C PHE B 177 18.60 10.16 -24.66
N ALA B 178 18.05 9.30 -23.81
CA ALA B 178 18.79 8.15 -23.29
C ALA B 178 19.29 7.31 -24.46
N MET B 179 18.43 7.10 -25.46
CA MET B 179 18.81 6.30 -26.61
C MET B 179 19.91 7.00 -27.39
N LYS B 180 19.80 8.31 -27.51
CA LYS B 180 20.82 9.08 -28.22
C LYS B 180 22.19 8.93 -27.56
N GLU B 181 22.21 8.93 -26.22
CA GLU B 181 23.47 8.80 -25.48
C GLU B 181 24.12 7.44 -25.68
N VAL B 182 23.30 6.41 -25.77
CA VAL B 182 23.81 5.04 -25.89
C VAL B 182 24.06 4.63 -27.36
N ASN B 183 23.15 5.03 -28.24
CA ASN B 183 23.27 4.70 -29.67
C ASN B 183 22.56 5.74 -30.54
N PRO B 184 23.31 6.78 -30.95
CA PRO B 184 22.78 7.94 -31.69
C PRO B 184 22.01 7.55 -32.94
N GLU B 185 22.37 6.42 -33.54
CA GLU B 185 21.73 6.00 -34.78
C GLU B 185 20.27 5.57 -34.59
N LEU B 186 19.92 5.20 -33.36
CA LEU B 186 18.53 4.90 -33.03
C LEU B 186 17.64 6.11 -33.31
N VAL B 187 18.17 7.31 -33.10
CA VAL B 187 17.41 8.54 -33.23
C VAL B 187 18.14 9.54 -34.10
N ALA B 188 18.81 9.04 -35.14
CA ALA B 188 19.60 9.90 -36.02
C ALA B 188 18.73 10.95 -36.72
N GLY B 189 19.25 12.16 -36.85
CA GLY B 189 18.54 13.22 -37.53
C GLY B 189 17.56 13.98 -36.66
N LYS B 190 17.32 13.47 -35.44
CA LYS B 190 16.31 14.07 -34.57
C LYS B 190 16.89 15.20 -33.72
N SER B 191 16.27 16.38 -33.83
CA SER B 191 16.66 17.51 -33.01
C SER B 191 16.26 17.24 -31.56
N ASP B 192 16.76 18.03 -30.62
CA ASP B 192 16.32 17.88 -29.23
C ASP B 192 14.82 18.08 -29.05
N TRP B 193 14.24 19.02 -29.78
CA TRP B 193 12.80 19.27 -29.70
C TRP B 193 12.03 18.07 -30.23
N GLU B 194 12.53 17.46 -31.30
CA GLU B 194 11.91 16.25 -31.84
C GLU B 194 11.99 15.09 -30.85
N LEU B 195 13.16 14.95 -30.21
CA LEU B 195 13.34 13.94 -29.17
C LEU B 195 12.35 14.13 -28.03
N LEU B 196 12.07 15.38 -27.68
CA LEU B 196 11.16 15.71 -26.59
C LEU B 196 9.70 15.72 -27.00
N ASN B 197 9.42 15.36 -28.26
CA ASN B 197 8.02 15.30 -28.72
C ASN B 197 7.72 14.03 -29.50
N MET B 198 8.45 12.96 -29.17
CA MET B 198 8.22 11.68 -29.80
C MET B 198 6.99 11.01 -29.20
N PRO B 199 6.06 10.55 -30.05
CA PRO B 199 4.89 9.81 -29.52
C PRO B 199 5.33 8.56 -28.79
N THR B 200 4.62 8.21 -27.71
CA THR B 200 5.00 7.07 -26.89
C THR B 200 5.17 5.76 -27.66
N LYS B 201 4.29 5.52 -28.63
CA LYS B 201 4.41 4.29 -29.42
C LYS B 201 5.74 4.23 -30.17
N GLU B 202 6.16 5.36 -30.73
CA GLU B 202 7.44 5.40 -31.44
C GLU B 202 8.60 5.14 -30.48
N ILE B 203 8.52 5.69 -29.29
CA ILE B 203 9.56 5.48 -28.27
C ILE B 203 9.67 4.00 -27.89
N MET B 204 8.52 3.35 -27.70
CA MET B 204 8.50 1.93 -27.35
C MET B 204 9.02 1.05 -28.50
N ASP B 205 8.67 1.41 -29.73
CA ASP B 205 9.15 0.67 -30.89
C ASP B 205 10.67 0.79 -31.00
N LEU B 206 11.19 1.99 -30.79
CA LEU B 206 12.62 2.23 -30.84
C LEU B 206 13.33 1.50 -29.73
N LEU B 207 12.75 1.52 -28.54
CA LEU B 207 13.33 0.83 -27.40
C LEU B 207 13.37 -0.67 -27.63
N GLU B 208 12.35 -1.18 -28.31
CA GLU B 208 12.31 -2.60 -28.64
C GLU B 208 13.41 -2.91 -29.66
N ASN B 209 13.57 -2.00 -30.64
CA ASN B 209 14.62 -2.14 -31.65
C ASN B 209 16.02 -2.09 -31.04
N ALA B 210 16.16 -1.37 -29.93
CA ALA B 210 17.45 -1.28 -29.25
C ALA B 210 17.90 -2.63 -28.70
N GLY B 211 16.96 -3.55 -28.55
CA GLY B 211 17.26 -4.91 -28.12
C GLY B 211 18.00 -5.00 -26.81
N SER B 212 19.15 -5.67 -26.81
CA SER B 212 19.94 -5.90 -25.60
C SER B 212 20.52 -4.61 -25.00
N GLN B 213 20.46 -3.52 -25.76
CA GLN B 213 20.96 -2.24 -25.26
C GLN B 213 20.00 -1.60 -24.26
N ILE B 214 18.83 -2.21 -24.06
CA ILE B 214 17.80 -1.61 -23.21
C ILE B 214 18.31 -1.27 -21.81
N ASP B 215 19.14 -2.13 -21.22
CA ASP B 215 19.59 -1.88 -19.86
C ASP B 215 20.51 -0.67 -19.74
N GLU B 216 21.40 -0.48 -20.72
CA GLU B 216 22.24 0.72 -20.73
C GLU B 216 21.42 1.97 -21.03
N VAL B 217 20.43 1.84 -21.91
CA VAL B 217 19.53 2.95 -22.20
C VAL B 217 18.82 3.38 -20.92
N LYS B 218 18.30 2.42 -20.17
CA LYS B 218 17.57 2.75 -18.95
C LYS B 218 18.44 3.45 -17.92
N LYS B 219 19.73 3.12 -17.87
CA LYS B 219 20.64 3.82 -16.97
C LYS B 219 20.73 5.31 -17.27
N ARG B 220 20.54 5.69 -18.54
CA ARG B 220 20.66 7.07 -18.95
C ARG B 220 19.32 7.80 -19.00
N SER B 221 18.25 7.10 -18.62
CA SER B 221 16.92 7.71 -18.58
C SER B 221 16.76 8.50 -17.29
N ALA B 222 15.53 8.93 -17.00
CA ALA B 222 15.24 9.71 -15.79
C ALA B 222 15.60 8.97 -14.50
N ARG B 223 15.74 7.65 -14.59
CA ARG B 223 16.22 6.84 -13.47
C ARG B 223 17.55 7.38 -12.94
N SER B 224 18.31 8.05 -13.81
CA SER B 224 19.62 8.62 -13.46
C SER B 224 19.53 9.88 -12.57
N GLY B 225 18.35 10.49 -12.50
CA GLY B 225 18.19 11.74 -11.79
C GLY B 225 18.60 12.98 -12.58
N LYS B 226 19.05 12.78 -13.81
CA LYS B 226 19.54 13.89 -14.63
C LYS B 226 18.43 14.50 -15.48
N ASN B 227 18.47 15.82 -15.66
CA ASN B 227 17.59 16.53 -16.60
C ASN B 227 16.09 16.31 -16.36
N LEU B 228 15.68 16.20 -15.10
CA LEU B 228 14.27 15.94 -14.81
C LEU B 228 13.35 17.08 -15.23
N GLN B 229 13.79 18.32 -15.05
CA GLN B 229 12.92 19.45 -15.37
C GLN B 229 12.87 19.75 -16.86
N ARG B 230 13.88 19.28 -17.58
CA ARG B 230 13.92 19.33 -19.04
C ARG B 230 12.72 18.60 -19.67
N LEU B 231 12.19 17.63 -18.92
CA LEU B 231 11.13 16.77 -19.42
C LEU B 231 9.79 17.48 -19.58
N GLY B 232 9.62 18.64 -18.95
CA GLY B 232 8.49 19.49 -19.27
C GLY B 232 7.38 19.57 -18.23
N LYS B 233 6.29 20.23 -18.61
CA LYS B 233 5.21 20.55 -17.68
C LYS B 233 4.15 19.47 -17.62
N TRP B 234 3.59 19.28 -16.43
CA TRP B 234 2.53 18.29 -16.20
C TRP B 234 1.23 19.05 -16.00
N LEU B 235 0.34 18.97 -16.99
CA LEU B 235 -0.86 19.80 -17.01
C LEU B 235 -2.06 19.01 -16.48
N VAL B 236 -2.72 19.55 -15.45
CA VAL B 236 -3.83 18.85 -14.80
C VAL B 236 -4.97 19.82 -14.55
N PRO B 237 -6.22 19.32 -14.40
CA PRO B 237 -7.32 20.25 -14.13
C PRO B 237 -7.04 21.03 -12.85
N GLN B 238 -7.53 22.27 -12.73
CA GLN B 238 -7.18 23.07 -11.54
C GLN B 238 -7.59 22.41 -10.22
N THR B 239 -8.68 21.66 -10.23
CA THR B 239 -9.17 21.00 -9.03
C THR B 239 -8.32 19.80 -8.60
N LYS B 240 -7.35 19.43 -9.45
CA LYS B 240 -6.39 18.39 -9.10
C LYS B 240 -4.98 18.94 -8.90
N HIS B 241 -4.82 20.25 -9.04
CA HIS B 241 -3.50 20.89 -8.94
C HIS B 241 -2.81 20.50 -7.63
N TYR B 242 -3.50 20.71 -6.51
CA TYR B 242 -2.91 20.45 -5.20
C TYR B 242 -2.47 18.99 -5.01
N SER B 243 -3.33 18.06 -5.38
CA SER B 243 -3.00 16.64 -5.23
C SER B 243 -1.82 16.21 -6.10
N TRP B 244 -1.70 16.80 -7.30
CA TRP B 244 -0.57 16.45 -8.17
C TRP B 244 0.75 17.09 -7.73
N MET B 245 0.68 18.18 -6.98
CA MET B 245 1.92 18.76 -6.45
C MET B 245 2.68 17.76 -5.60
N LYS B 246 1.95 16.98 -4.81
CA LYS B 246 2.58 15.97 -3.96
C LYS B 246 3.29 14.89 -4.80
N ALA B 247 2.63 14.41 -5.85
CA ALA B 247 3.21 13.39 -6.72
C ALA B 247 4.46 13.91 -7.44
N ALA B 248 4.36 15.12 -7.98
CA ALA B 248 5.50 15.74 -8.67
C ALA B 248 6.67 15.99 -7.72
N ASP B 249 6.35 16.33 -6.47
CA ASP B 249 7.33 16.48 -5.39
C ASP B 249 8.08 15.16 -5.19
N ILE B 250 7.34 14.09 -4.96
CA ILE B 250 7.94 12.77 -4.73
C ILE B 250 8.80 12.33 -5.92
N ILE B 251 8.29 12.49 -7.14
CA ILE B 251 8.93 11.93 -8.33
C ILE B 251 10.16 12.73 -8.83
N GLY B 252 10.36 13.92 -8.27
CA GLY B 252 11.58 14.67 -8.54
C GLY B 252 11.50 15.75 -9.60
N ILE B 253 10.38 15.85 -10.31
CA ILE B 253 10.23 16.94 -11.27
C ILE B 253 9.93 18.24 -10.53
N GLY B 254 9.31 18.13 -9.36
CA GLY B 254 9.05 19.29 -8.52
C GLY B 254 7.66 19.85 -8.71
N LEU B 255 7.09 20.40 -7.64
CA LEU B 255 5.73 20.92 -7.73
C LEU B 255 5.62 22.11 -8.69
N ASP B 256 6.75 22.76 -8.96
CA ASP B 256 6.80 23.89 -9.89
C ASP B 256 6.46 23.46 -11.32
N GLN B 257 6.57 22.18 -11.61
CA GLN B 257 6.33 21.68 -12.97
C GLN B 257 4.86 21.31 -13.19
N VAL B 258 4.07 21.28 -12.11
CA VAL B 258 2.63 21.08 -12.27
C VAL B 258 1.92 22.38 -12.65
N VAL B 259 1.18 22.33 -13.75
CA VAL B 259 0.47 23.50 -14.27
C VAL B 259 -1.04 23.27 -14.22
N PRO B 260 -1.77 24.13 -13.50
CA PRO B 260 -3.24 24.02 -13.46
C PRO B 260 -3.89 24.50 -14.74
N VAL B 261 -4.80 23.70 -15.26
CA VAL B 261 -5.57 24.10 -16.42
C VAL B 261 -6.97 24.46 -15.92
N PRO B 262 -7.47 25.66 -16.30
CA PRO B 262 -8.81 26.09 -15.86
C PRO B 262 -9.90 25.06 -16.17
N ILE B 263 -10.89 24.95 -15.28
CA ILE B 263 -12.03 24.09 -15.56
C ILE B 263 -13.24 24.98 -15.89
N ASP B 264 -14.20 24.43 -16.61
CA ASP B 264 -15.39 25.22 -17.00
C ASP B 264 -16.55 25.14 -16.00
N SER B 265 -17.70 25.68 -16.37
CA SER B 265 -18.81 25.72 -15.43
C SER B 265 -19.44 24.35 -15.23
N ASN B 266 -18.97 23.35 -15.98
CA ASN B 266 -19.34 21.96 -15.71
C ASN B 266 -18.26 21.26 -14.90
N TYR B 267 -17.25 22.04 -14.50
CA TYR B 267 -16.14 21.55 -13.66
C TYR B 267 -15.29 20.51 -14.40
N ARG B 268 -15.31 20.62 -15.72
CA ARG B 268 -14.50 19.80 -16.61
C ARG B 268 -13.34 20.64 -17.07
N MET B 269 -12.19 20.03 -17.32
CA MET B 269 -11.07 20.80 -17.88
C MET B 269 -11.48 21.56 -19.15
N ASP B 270 -11.15 22.85 -19.19
CA ASP B 270 -11.41 23.70 -20.36
C ASP B 270 -10.41 23.35 -21.45
N ILE B 271 -10.87 22.71 -22.54
CA ILE B 271 -9.97 22.22 -23.58
C ILE B 271 -9.42 23.34 -24.47
N GLN B 272 -10.13 24.47 -24.54
CA GLN B 272 -9.60 25.63 -25.25
C GLN B 272 -8.43 26.22 -24.46
N ALA B 273 -8.58 26.25 -23.14
CA ALA B 273 -7.50 26.68 -22.26
C ALA B 273 -6.33 25.73 -22.32
N LEU B 274 -6.61 24.43 -22.29
CA LEU B 274 -5.54 23.43 -22.43
C LEU B 274 -4.71 23.71 -23.67
N GLU B 275 -5.37 23.96 -24.79
CA GLU B 275 -4.65 24.21 -26.05
C GLU B 275 -3.84 25.49 -25.96
N SER B 276 -4.42 26.55 -25.41
CA SER B 276 -3.69 27.82 -25.26
C SER B 276 -2.43 27.65 -24.41
N ILE B 277 -2.55 26.95 -23.28
CA ILE B 277 -1.41 26.67 -22.39
C ILE B 277 -0.31 25.85 -23.10
N ILE B 278 -0.69 24.77 -23.77
CA ILE B 278 0.28 23.94 -24.49
C ILE B 278 1.01 24.71 -25.59
N ARG B 279 0.26 25.47 -26.38
CA ARG B 279 0.87 26.23 -27.46
C ARG B 279 1.86 27.25 -26.92
N LYS B 280 1.54 27.87 -25.80
CA LYS B 280 2.43 28.88 -25.23
C LYS B 280 3.75 28.26 -24.80
N TYR B 281 3.67 27.15 -24.08
CA TYR B 281 4.90 26.43 -23.70
C TYR B 281 5.65 25.93 -24.92
N ALA B 282 4.92 25.36 -25.89
CA ALA B 282 5.61 24.81 -27.05
C ALA B 282 6.29 25.90 -27.87
N ALA B 283 5.68 27.07 -27.97
CA ALA B 283 6.31 28.19 -28.68
C ALA B 283 7.63 28.60 -28.02
N GLU B 284 7.74 28.36 -26.71
CA GLU B 284 8.95 28.68 -25.96
C GLU B 284 9.95 27.54 -25.98
N LYS B 285 9.54 26.41 -26.56
CA LYS B 285 10.32 25.17 -26.58
C LYS B 285 10.45 24.54 -25.20
N THR B 286 9.40 24.70 -24.38
CA THR B 286 9.26 23.93 -23.14
C THR B 286 8.31 22.79 -23.49
N PRO B 287 8.74 21.54 -23.27
CA PRO B 287 7.90 20.39 -23.62
C PRO B 287 6.75 20.22 -22.64
N ILE B 288 5.77 19.42 -23.04
CA ILE B 288 4.71 19.01 -22.13
C ILE B 288 5.03 17.59 -21.71
N LEU B 289 5.32 17.38 -20.43
CA LEU B 289 5.54 16.04 -19.92
C LEU B 289 4.29 15.18 -20.06
N GLY B 290 3.14 15.76 -19.77
CA GLY B 290 1.90 15.01 -19.87
C GLY B 290 0.69 15.84 -19.51
N VAL B 291 -0.49 15.30 -19.83
CA VAL B 291 -1.77 15.93 -19.47
C VAL B 291 -2.57 14.86 -18.75
N VAL B 292 -3.25 15.28 -17.68
CA VAL B 292 -4.14 14.40 -16.94
C VAL B 292 -5.57 14.82 -17.25
N GLY B 293 -6.40 13.86 -17.67
CA GLY B 293 -7.83 14.10 -17.80
C GLY B 293 -8.51 13.31 -16.70
N VAL B 294 -9.57 13.85 -16.13
CA VAL B 294 -10.23 13.20 -14.99
C VAL B 294 -11.59 12.63 -15.37
N ALA B 295 -11.82 11.37 -15.01
CA ALA B 295 -13.13 10.76 -15.18
C ALA B 295 -13.71 10.49 -13.82
N GLY B 296 -14.65 11.35 -13.41
CA GLY B 296 -15.25 11.27 -12.09
C GLY B 296 -14.54 12.19 -11.11
N SER B 297 -14.76 13.48 -11.22
CA SER B 297 -14.07 14.45 -10.36
C SER B 297 -14.46 14.29 -8.89
N THR B 298 -13.59 14.78 -8.00
CA THR B 298 -13.72 14.49 -6.58
C THR B 298 -14.99 15.05 -5.94
N GLU B 299 -15.37 16.27 -6.31
CA GLU B 299 -16.52 16.89 -5.66
C GLU B 299 -17.72 17.12 -6.58
N GLU B 300 -17.62 16.82 -7.87
CA GLU B 300 -18.72 17.06 -8.82
C GLU B 300 -19.08 15.84 -9.65
N GLY B 301 -18.23 14.81 -9.59
CA GLY B 301 -18.42 13.64 -10.44
C GLY B 301 -18.28 13.98 -11.91
N ALA B 302 -17.58 15.08 -12.21
CA ALA B 302 -17.43 15.52 -13.59
C ALA B 302 -16.55 14.54 -14.38
N VAL B 303 -16.83 14.44 -15.67
CA VAL B 303 -16.02 13.66 -16.59
C VAL B 303 -15.46 14.57 -17.67
N ASP B 304 -14.13 14.73 -17.69
CA ASP B 304 -13.45 15.58 -18.68
C ASP B 304 -13.67 15.01 -20.08
N GLY B 305 -13.59 15.87 -21.10
CA GLY B 305 -13.74 15.42 -22.47
C GLY B 305 -12.46 14.76 -22.97
N ILE B 306 -12.24 13.52 -22.56
CA ILE B 306 -11.05 12.77 -22.94
C ILE B 306 -10.93 12.72 -24.45
N ASP B 307 -12.07 12.62 -25.12
CA ASP B 307 -12.09 12.59 -26.59
C ASP B 307 -11.59 13.90 -27.18
N LYS B 308 -11.95 15.01 -26.53
CA LYS B 308 -11.49 16.31 -26.98
C LYS B 308 -9.98 16.48 -26.79
N ILE B 309 -9.46 15.92 -25.70
CA ILE B 309 -8.01 15.91 -25.46
C ILE B 309 -7.27 15.09 -26.50
N VAL B 310 -7.78 13.89 -26.80
CA VAL B 310 -7.20 13.02 -27.82
C VAL B 310 -7.17 13.72 -29.18
N ALA B 311 -8.27 14.38 -29.54
CA ALA B 311 -8.36 15.09 -30.80
C ALA B 311 -7.37 16.26 -30.85
N LEU B 312 -7.23 16.95 -29.72
CA LEU B 312 -6.28 18.05 -29.63
C LEU B 312 -4.87 17.53 -29.80
N ARG B 313 -4.56 16.40 -29.17
CA ARG B 313 -3.23 15.84 -29.35
C ARG B 313 -2.92 15.53 -30.82
N GLN B 314 -3.91 14.98 -31.54
CA GLN B 314 -3.73 14.64 -32.95
C GLN B 314 -3.46 15.88 -33.78
N LYS B 315 -4.17 16.95 -33.47
CA LYS B 315 -3.99 18.23 -34.14
C LYS B 315 -2.59 18.76 -33.88
N LEU B 316 -2.17 18.75 -32.62
CA LEU B 316 -0.86 19.29 -32.25
C LEU B 316 0.31 18.45 -32.79
N GLN B 317 0.09 17.15 -32.95
CA GLN B 317 1.13 16.29 -33.50
C GLN B 317 1.54 16.73 -34.89
N LYS B 318 0.60 17.27 -35.65
CA LYS B 318 0.88 17.80 -36.98
C LYS B 318 1.88 18.95 -36.92
N GLU B 319 1.97 19.60 -35.77
CA GLU B 319 2.86 20.74 -35.59
C GLU B 319 4.08 20.42 -34.72
N GLY B 320 4.39 19.14 -34.56
CA GLY B 320 5.57 18.70 -33.83
C GLY B 320 5.47 18.70 -32.31
N ILE B 321 4.24 18.64 -31.80
CA ILE B 321 4.00 18.66 -30.36
C ILE B 321 3.31 17.35 -29.94
N TYR B 322 3.83 16.69 -28.90
CA TYR B 322 3.19 15.51 -28.34
C TYR B 322 3.06 15.64 -26.84
N PHE B 323 2.04 15.02 -26.27
CA PHE B 323 1.98 14.86 -24.82
C PHE B 323 1.42 13.50 -24.43
N TYR B 324 2.05 12.91 -23.41
CA TYR B 324 1.51 11.72 -22.73
C TYR B 324 0.16 12.06 -22.11
N LEU B 325 -0.79 11.13 -22.22
CA LEU B 325 -2.11 11.31 -21.61
C LEU B 325 -2.34 10.26 -20.51
N HIS B 326 -2.57 10.73 -19.30
CA HIS B 326 -2.92 9.85 -18.18
C HIS B 326 -4.37 10.17 -17.82
N VAL B 327 -5.22 9.14 -17.73
CA VAL B 327 -6.58 9.39 -17.31
C VAL B 327 -6.75 8.97 -15.85
N ASP B 328 -7.14 9.90 -15.00
CA ASP B 328 -7.44 9.56 -13.62
C ASP B 328 -8.92 9.19 -13.53
N ALA B 329 -9.18 7.88 -13.61
CA ALA B 329 -10.52 7.34 -13.47
C ALA B 329 -10.62 6.55 -12.17
N ALA B 330 -9.93 7.04 -11.13
CA ALA B 330 -9.97 6.38 -9.81
C ALA B 330 -11.42 6.17 -9.39
N TYR B 331 -12.23 7.20 -9.57
CA TYR B 331 -13.63 7.11 -9.19
C TYR B 331 -14.51 6.60 -10.34
N GLY B 332 -14.25 7.09 -11.56
CA GLY B 332 -15.12 6.79 -12.70
C GLY B 332 -14.77 5.58 -13.56
N GLY B 333 -13.71 4.86 -13.21
CA GLY B 333 -13.24 3.78 -14.05
C GLY B 333 -14.17 2.59 -14.28
N TYR B 334 -14.84 2.13 -13.23
CA TYR B 334 -15.75 0.99 -13.38
C TYR B 334 -16.99 1.36 -14.20
N ALA B 335 -17.28 2.64 -14.30
CA ALA B 335 -18.41 3.08 -15.11
C ALA B 335 -18.21 2.80 -16.59
N ARG B 336 -16.97 2.54 -17.02
CA ARG B 336 -16.77 2.16 -18.41
C ARG B 336 -17.48 0.85 -18.73
N ALA B 337 -17.80 0.07 -17.69
CA ALA B 337 -18.54 -1.18 -17.87
C ALA B 337 -19.93 -0.93 -18.44
N LEU B 338 -20.46 0.27 -18.27
CA LEU B 338 -21.74 0.63 -18.87
C LEU B 338 -21.70 0.56 -20.39
N PHE B 339 -20.50 0.66 -20.96
CA PHE B 339 -20.40 0.84 -22.41
C PHE B 339 -19.92 -0.41 -23.14
N LEU B 340 -19.69 -1.49 -22.39
CA LEU B 340 -19.21 -2.73 -22.97
C LEU B 340 -20.29 -3.81 -22.98
N ASP B 341 -20.47 -4.46 -24.13
CA ASP B 341 -21.51 -5.50 -24.23
C ASP B 341 -21.05 -6.79 -23.54
N GLU B 342 -21.85 -7.86 -23.59
CA GLU B 342 -21.47 -9.11 -22.93
C GLU B 342 -20.20 -9.74 -23.48
N ASP B 343 -19.75 -9.29 -24.64
CA ASP B 343 -18.49 -9.77 -25.21
C ASP B 343 -17.39 -8.71 -25.07
N ASP B 344 -17.64 -7.77 -24.15
CA ASP B 344 -16.68 -6.72 -23.79
C ASP B 344 -16.41 -5.70 -24.89
N GLN B 345 -17.28 -5.66 -25.90
CA GLN B 345 -17.10 -4.74 -27.03
C GLN B 345 -17.85 -3.44 -26.82
N PHE B 346 -17.29 -2.33 -27.28
CA PHE B 346 -17.90 -1.03 -27.03
C PHE B 346 -19.24 -0.92 -27.76
N ILE B 347 -20.26 -0.44 -27.05
CA ILE B 347 -21.62 -0.36 -27.58
C ILE B 347 -21.79 0.93 -28.34
N PRO B 348 -22.24 0.83 -29.61
CA PRO B 348 -22.53 2.04 -30.40
C PRO B 348 -23.54 2.91 -29.67
N TYR B 349 -23.31 4.23 -29.69
CA TYR B 349 -24.19 5.15 -28.97
C TYR B 349 -25.69 4.95 -29.24
N LYS B 350 -26.05 4.76 -30.52
CA LYS B 350 -27.46 4.62 -30.90
C LYS B 350 -28.13 3.39 -30.30
N ASN B 351 -27.32 2.42 -29.87
CA ASN B 351 -27.83 1.17 -29.32
C ASN B 351 -27.72 1.10 -27.80
N LEU B 352 -27.26 2.19 -27.18
CA LEU B 352 -26.96 2.16 -25.74
C LEU B 352 -28.20 1.92 -24.87
N GLN B 353 -29.28 2.64 -25.13
CA GLN B 353 -30.50 2.46 -24.34
C GLN B 353 -31.10 1.08 -24.55
N LYS B 354 -31.03 0.57 -25.77
CA LYS B 354 -31.53 -0.77 -26.06
C LYS B 354 -30.75 -1.82 -25.25
N VAL B 355 -29.43 -1.76 -25.31
CA VAL B 355 -28.60 -2.73 -24.61
C VAL B 355 -28.78 -2.60 -23.10
N HIS B 356 -28.88 -1.37 -22.62
CA HIS B 356 -29.12 -1.17 -21.20
C HIS B 356 -30.47 -1.74 -20.74
N ALA B 357 -31.51 -1.58 -21.56
CA ALA B 357 -32.82 -2.16 -21.22
C ALA B 357 -32.79 -3.68 -21.26
N GLU B 358 -32.12 -4.24 -22.28
CA GLU B 358 -31.99 -5.69 -22.43
C GLU B 358 -31.32 -6.30 -21.21
N ASN B 359 -30.43 -5.54 -20.58
CA ASN B 359 -29.63 -6.04 -19.47
C ASN B 359 -30.02 -5.44 -18.11
N HIS B 360 -31.14 -4.74 -18.06
CA HIS B 360 -31.66 -4.16 -16.81
C HIS B 360 -30.66 -3.27 -16.06
N VAL B 361 -29.85 -2.54 -16.80
CA VAL B 361 -28.90 -1.60 -16.24
C VAL B 361 -29.67 -0.43 -15.61
N PHE B 362 -30.72 0.00 -16.29
CA PHE B 362 -31.59 1.05 -15.77
C PHE B 362 -33.02 0.54 -15.70
N THR B 363 -33.80 1.04 -14.73
CA THR B 363 -35.17 0.56 -14.51
C THR B 363 -36.17 1.12 -15.52
N GLU B 364 -35.76 2.18 -16.21
CA GLU B 364 -36.61 2.81 -17.21
C GLU B 364 -35.90 2.93 -18.56
N ASP B 365 -36.69 2.90 -19.62
CA ASP B 365 -36.16 2.99 -20.97
C ASP B 365 -36.10 4.46 -21.41
N LYS B 366 -35.11 5.18 -20.90
CA LYS B 366 -34.91 6.58 -21.27
C LYS B 366 -33.43 6.93 -21.28
N GLU B 367 -33.13 8.21 -21.51
CA GLU B 367 -31.74 8.66 -21.60
C GLU B 367 -31.16 8.89 -20.22
N TYR B 368 -29.99 8.33 -19.95
CA TYR B 368 -29.30 8.51 -18.68
C TYR B 368 -27.89 9.04 -18.88
N ILE B 369 -27.25 8.58 -19.95
CA ILE B 369 -25.85 8.93 -20.19
C ILE B 369 -25.72 10.06 -21.20
N LYS B 370 -25.03 11.13 -20.81
CA LYS B 370 -24.82 12.25 -21.73
C LYS B 370 -23.95 11.84 -22.89
N PRO B 371 -24.25 12.35 -24.10
CA PRO B 371 -23.43 12.02 -25.27
C PRO B 371 -21.95 12.37 -25.08
N GLU B 372 -21.66 13.45 -24.37
CA GLU B 372 -20.29 13.89 -24.21
C GLU B 372 -19.55 13.04 -23.18
N VAL B 373 -20.32 12.36 -22.32
CA VAL B 373 -19.77 11.40 -21.37
C VAL B 373 -19.44 10.09 -22.07
N TYR B 374 -20.40 9.62 -22.88
CA TYR B 374 -20.17 8.46 -23.74
C TYR B 374 -18.90 8.67 -24.57
N ALA B 375 -18.81 9.83 -25.22
CA ALA B 375 -17.64 10.13 -26.06
C ALA B 375 -16.33 10.11 -25.30
N ALA B 376 -16.34 10.65 -24.09
CA ALA B 376 -15.13 10.68 -23.25
C ALA B 376 -14.67 9.27 -22.89
N TYR B 377 -15.59 8.44 -22.43
CA TYR B 377 -15.24 7.05 -22.10
C TYR B 377 -14.72 6.27 -23.31
N LYS B 378 -15.31 6.52 -24.47
CA LYS B 378 -14.89 5.83 -25.68
C LYS B 378 -13.43 6.09 -26.00
N ALA B 379 -12.96 7.29 -25.66
CA ALA B 379 -11.59 7.68 -25.95
C ALA B 379 -10.50 7.16 -25.00
N PHE B 380 -10.89 6.46 -23.93
CA PHE B 380 -9.93 6.01 -22.92
C PHE B 380 -8.80 5.18 -23.51
N ASP B 381 -9.10 4.40 -24.56
CA ASP B 381 -8.14 3.46 -25.10
C ASP B 381 -6.97 4.15 -25.80
N GLN B 382 -7.07 5.46 -25.94
CA GLN B 382 -5.99 6.28 -26.53
C GLN B 382 -5.01 6.81 -25.49
N ALA B 383 -5.39 6.73 -24.21
CA ALA B 383 -4.51 7.21 -23.14
C ALA B 383 -3.38 6.22 -22.89
N GLU B 384 -2.20 6.73 -22.60
CA GLU B 384 -1.07 5.88 -22.22
C GLU B 384 -1.30 5.09 -20.92
N SER B 385 -1.95 5.70 -19.94
CA SER B 385 -2.23 5.02 -18.67
C SER B 385 -3.51 5.54 -18.03
N ILE B 386 -4.14 4.70 -17.21
CA ILE B 386 -5.42 5.00 -16.59
C ILE B 386 -5.38 4.50 -15.15
N THR B 387 -5.83 5.33 -14.20
CA THR B 387 -5.98 4.88 -12.81
C THR B 387 -7.44 4.48 -12.59
N ILE B 388 -7.67 3.42 -11.83
CA ILE B 388 -9.02 2.94 -11.53
C ILE B 388 -8.96 2.26 -10.18
N ASP B 389 -9.85 2.63 -9.25
CA ASP B 389 -9.75 2.09 -7.89
C ASP B 389 -10.85 1.11 -7.55
N PRO B 390 -10.49 -0.17 -7.40
CA PRO B 390 -11.48 -1.14 -6.90
C PRO B 390 -12.14 -0.68 -5.59
N HIS B 391 -11.40 0.00 -4.71
CA HIS B 391 -12.00 0.36 -3.42
C HIS B 391 -12.88 1.60 -3.45
N LYS B 392 -13.00 2.23 -4.61
CA LYS B 392 -14.02 3.25 -4.80
C LYS B 392 -15.27 2.62 -5.42
N MET B 393 -15.46 2.81 -6.72
CA MET B 393 -16.68 2.32 -7.36
C MET B 393 -16.62 0.86 -7.82
N GLY B 394 -15.57 0.14 -7.43
CA GLY B 394 -15.54 -1.30 -7.64
C GLY B 394 -16.08 -2.05 -6.43
N TYR B 395 -16.35 -1.33 -5.34
CA TYR B 395 -16.93 -1.89 -4.11
C TYR B 395 -16.09 -3.02 -3.50
N VAL B 396 -14.79 -2.95 -3.69
CA VAL B 396 -13.84 -3.89 -3.06
C VAL B 396 -13.33 -3.25 -1.77
N PRO B 397 -13.12 -4.04 -0.70
CA PRO B 397 -12.66 -3.36 0.53
C PRO B 397 -11.28 -2.69 0.40
N TYR B 398 -11.07 -1.60 1.14
CA TYR B 398 -9.73 -0.99 1.21
C TYR B 398 -8.75 -2.05 1.72
N SER B 399 -7.48 -2.03 1.30
CA SER B 399 -6.93 -1.11 0.30
C SER B 399 -6.69 -1.80 -1.04
N ALA B 400 -7.26 -1.24 -2.11
CA ALA B 400 -7.11 -1.79 -3.45
C ALA B 400 -7.33 -0.70 -4.50
N GLY B 401 -6.24 -0.16 -5.01
CA GLY B 401 -6.28 0.76 -6.13
C GLY B 401 -5.86 0.02 -7.39
N GLY B 402 -5.71 0.73 -8.50
CA GLY B 402 -5.31 0.05 -9.72
C GLY B 402 -4.76 0.97 -10.78
N ILE B 403 -3.90 0.42 -11.63
CA ILE B 403 -3.35 1.16 -12.76
C ILE B 403 -3.43 0.28 -14.01
N VAL B 404 -3.68 0.91 -15.15
CA VAL B 404 -3.74 0.18 -16.41
C VAL B 404 -2.79 0.89 -17.36
N ILE B 405 -2.04 0.15 -18.15
CA ILE B 405 -1.15 0.76 -19.12
C ILE B 405 -1.50 0.30 -20.54
N GLN B 406 -1.39 1.22 -21.48
CA GLN B 406 -1.85 0.99 -22.84
C GLN B 406 -1.10 -0.09 -23.58
N ASP B 407 0.21 -0.16 -23.32
CA ASP B 407 1.12 -1.02 -24.04
C ASP B 407 1.99 -1.70 -23.00
N ILE B 408 1.88 -3.02 -22.91
CA ILE B 408 2.60 -3.79 -21.89
C ILE B 408 4.11 -3.51 -21.92
N ARG B 409 4.64 -3.19 -23.09
CA ARG B 409 6.07 -2.89 -23.21
C ARG B 409 6.49 -1.72 -22.32
N MET B 410 5.54 -0.85 -21.98
CA MET B 410 5.85 0.28 -21.11
C MET B 410 6.46 -0.15 -19.78
N ARG B 411 6.07 -1.30 -19.26
CA ARG B 411 6.56 -1.70 -17.95
C ARG B 411 8.08 -1.93 -17.95
N ASP B 412 8.65 -2.14 -19.13
CA ASP B 412 10.11 -2.29 -19.23
C ASP B 412 10.83 -0.99 -18.86
N THR B 413 10.12 0.13 -18.97
CA THR B 413 10.74 1.44 -18.70
C THR B 413 10.90 1.74 -17.21
N ILE B 414 10.19 0.98 -16.36
CA ILE B 414 10.25 1.21 -14.92
C ILE B 414 10.73 -0.03 -14.14
N SER B 415 11.07 -1.09 -14.85
CA SER B 415 11.29 -2.39 -14.22
C SER B 415 12.65 -2.55 -13.57
N TYR B 416 12.71 -3.46 -12.59
CA TYR B 416 13.94 -3.85 -11.91
C TYR B 416 14.02 -5.37 -11.77
N PHE B 417 15.20 -5.93 -12.04
CA PHE B 417 15.49 -7.33 -11.80
C PHE B 417 16.83 -7.47 -11.07
N LEU B 431 8.06 -12.37 -11.33
CA LEU B 431 7.48 -11.53 -12.36
C LEU B 431 7.01 -10.21 -11.76
N LEU B 432 5.89 -10.26 -11.04
CA LEU B 432 5.12 -9.06 -10.75
C LEU B 432 5.89 -7.94 -10.05
N GLY B 433 6.67 -8.30 -9.03
CA GLY B 433 7.40 -7.31 -8.25
C GLY B 433 8.37 -6.48 -9.09
N ALA B 434 8.77 -7.03 -10.22
CA ALA B 434 9.72 -6.34 -11.10
C ALA B 434 9.09 -5.14 -11.80
N TYR B 435 7.76 -5.11 -11.87
CA TYR B 435 7.08 -4.18 -12.77
C TYR B 435 6.22 -3.11 -12.10
N ILE B 436 6.41 -2.91 -10.81
CA ILE B 436 5.54 -2.03 -10.04
C ILE B 436 6.35 -1.06 -9.16
N LEU B 437 5.69 -0.01 -8.68
CA LEU B 437 6.34 0.98 -7.82
C LEU B 437 6.48 0.47 -6.37
N GLU B 438 5.41 -0.12 -5.84
CA GLU B 438 5.45 -0.61 -4.47
C GLU B 438 6.22 -1.93 -4.36
N GLY B 439 6.26 -2.48 -3.15
CA GLY B 439 6.93 -3.74 -2.90
C GLY B 439 5.92 -4.82 -2.57
N SER B 440 6.03 -5.38 -1.38
CA SER B 440 5.11 -6.44 -0.95
C SER B 440 3.65 -6.05 -1.18
N LYS B 441 2.85 -7.01 -1.63
CA LYS B 441 1.41 -6.82 -1.76
C LYS B 441 0.70 -8.13 -1.43
N ALA B 442 -0.40 -8.03 -0.69
CA ALA B 442 -1.06 -9.24 -0.21
C ALA B 442 -1.75 -10.01 -1.33
N GLY B 443 -1.54 -11.33 -1.34
CA GLY B 443 -2.29 -12.19 -2.24
C GLY B 443 -3.78 -12.06 -1.98
N ALA B 444 -4.14 -11.77 -0.74
CA ALA B 444 -5.56 -11.63 -0.36
C ALA B 444 -6.20 -10.46 -1.11
N THR B 445 -5.42 -9.42 -1.37
CA THR B 445 -5.95 -8.27 -2.07
C THR B 445 -6.33 -8.67 -3.49
N ALA B 446 -5.44 -9.43 -4.14
CA ALA B 446 -5.74 -9.92 -5.49
C ALA B 446 -6.96 -10.84 -5.50
N ALA B 447 -7.07 -11.71 -4.50
CA ALA B 447 -8.23 -12.59 -4.40
C ALA B 447 -9.51 -11.79 -4.27
N SER B 448 -9.45 -10.72 -3.48
CA SER B 448 -10.64 -9.90 -3.24
C SER B 448 -11.10 -9.21 -4.52
N VAL B 449 -10.16 -8.67 -5.29
CA VAL B 449 -10.56 -7.99 -6.53
C VAL B 449 -11.04 -9.03 -7.54
N TRP B 450 -10.31 -10.13 -7.62
CA TRP B 450 -10.65 -11.20 -8.57
C TRP B 450 -12.07 -11.69 -8.33
N ALA B 451 -12.42 -11.91 -7.05
CA ALA B 451 -13.76 -12.41 -6.75
C ALA B 451 -14.84 -11.40 -7.13
N ALA B 452 -14.58 -10.11 -6.93
CA ALA B 452 -15.54 -9.09 -7.35
C ALA B 452 -15.71 -9.13 -8.87
N HIS B 453 -14.59 -9.15 -9.57
CA HIS B 453 -14.59 -9.11 -11.03
C HIS B 453 -15.25 -10.34 -11.63
N HIS B 454 -15.16 -11.47 -10.93
CA HIS B 454 -15.72 -12.69 -11.50
C HIS B 454 -17.18 -12.88 -11.12
N THR B 455 -17.58 -12.23 -10.04
CA THR B 455 -19.00 -12.19 -9.70
C THR B 455 -19.70 -11.19 -10.64
N LEU B 456 -19.06 -10.06 -10.89
CA LEU B 456 -19.60 -9.03 -11.76
C LEU B 456 -18.65 -8.71 -12.90
N PRO B 457 -18.86 -9.32 -14.08
CA PRO B 457 -17.98 -8.99 -15.21
C PRO B 457 -17.96 -7.50 -15.50
N LEU B 458 -16.85 -7.04 -16.07
CA LEU B 458 -16.63 -5.61 -16.25
C LEU B 458 -17.29 -5.14 -17.56
N ASN B 459 -18.59 -5.38 -17.65
CA ASN B 459 -19.42 -5.00 -18.79
C ASN B 459 -20.87 -4.88 -18.34
N VAL B 460 -21.81 -4.71 -19.25
CA VAL B 460 -23.21 -4.48 -18.89
C VAL B 460 -23.84 -5.63 -18.10
N THR B 461 -23.26 -6.81 -18.20
CA THR B 461 -23.83 -7.96 -17.52
C THR B 461 -23.53 -7.94 -16.03
N GLY B 462 -22.45 -7.27 -15.64
CA GLY B 462 -22.01 -7.26 -14.26
C GLY B 462 -21.96 -5.86 -13.66
N TYR B 463 -20.79 -5.23 -13.70
CA TYR B 463 -20.65 -3.90 -13.12
C TYR B 463 -21.57 -2.86 -13.77
N GLY B 464 -21.96 -3.06 -15.03
CA GLY B 464 -22.89 -2.14 -15.68
C GLY B 464 -24.14 -1.96 -14.82
N LYS B 465 -24.62 -3.05 -14.24
CA LYS B 465 -25.81 -3.03 -13.42
C LYS B 465 -25.59 -2.24 -12.14
N LEU B 466 -24.42 -2.43 -11.53
CA LEU B 466 -24.13 -1.75 -10.26
C LEU B 466 -23.84 -0.26 -10.45
N GLU B 467 -23.04 0.08 -11.45
CA GLU B 467 -22.77 1.48 -11.75
C GLU B 467 -24.07 2.16 -12.20
N GLY B 468 -24.88 1.42 -12.94
CA GLY B 468 -26.16 1.94 -13.42
C GLY B 468 -27.11 2.21 -12.28
N ALA B 469 -27.16 1.30 -11.31
CA ALA B 469 -28.06 1.47 -10.18
C ALA B 469 -27.68 2.74 -9.41
N SER B 470 -26.38 2.99 -9.32
CA SER B 470 -25.85 4.17 -8.62
C SER B 470 -26.23 5.45 -9.37
N ILE B 471 -25.99 5.44 -10.67
CA ILE B 471 -26.33 6.60 -11.52
C ILE B 471 -27.82 6.90 -11.47
N GLU B 472 -28.66 5.87 -11.49
CA GLU B 472 -30.10 6.09 -11.48
C GLU B 472 -30.54 6.71 -10.16
N GLY B 473 -29.99 6.25 -9.04
CA GLY B 473 -30.27 6.84 -7.75
C GLY B 473 -29.89 8.32 -7.77
N ALA B 474 -28.71 8.63 -8.31
CA ALA B 474 -28.29 10.01 -8.45
C ALA B 474 -29.28 10.84 -9.26
N HIS B 475 -29.75 10.28 -10.36
CA HIS B 475 -30.71 10.99 -11.21
C HIS B 475 -32.04 11.26 -10.48
N ARG B 476 -32.53 10.28 -9.72
CA ARG B 476 -33.78 10.53 -8.98
C ARG B 476 -33.59 11.62 -7.94
N TYR B 477 -32.46 11.58 -7.25
CA TYR B 477 -32.15 12.58 -6.24
C TYR B 477 -32.05 13.97 -6.86
N TYR B 478 -31.32 14.08 -7.95
CA TYR B 478 -31.20 15.34 -8.70
C TYR B 478 -32.58 15.88 -9.11
N ASP B 479 -33.40 15.03 -9.72
CA ASP B 479 -34.74 15.49 -10.13
C ASP B 479 -35.57 15.95 -8.95
N PHE B 480 -35.43 15.27 -7.82
CA PHE B 480 -36.17 15.62 -6.61
C PHE B 480 -35.74 16.98 -6.06
N LEU B 481 -34.44 17.28 -6.14
CA LEU B 481 -33.91 18.50 -5.55
C LEU B 481 -34.27 19.76 -6.32
N LYS B 482 -34.60 19.62 -7.59
CA LYS B 482 -34.80 20.83 -8.40
C LYS B 482 -36.18 21.45 -8.25
N ASN B 483 -37.00 20.82 -7.40
CA ASN B 483 -38.32 21.34 -7.07
C ASN B 483 -38.54 21.42 -5.56
N LEU B 484 -37.67 22.16 -4.86
CA LEU B 484 -37.80 22.27 -3.40
C LEU B 484 -37.75 23.71 -2.86
N LYS B 485 -38.84 24.11 -2.20
CA LYS B 485 -38.94 25.41 -1.53
C LYS B 485 -39.45 25.23 -0.11
N PHE B 486 -39.00 26.09 0.79
CA PHE B 486 -39.36 25.97 2.20
C PHE B 486 -39.73 27.32 2.79
N GLU B 487 -40.80 27.33 3.60
CA GLU B 487 -41.13 28.50 4.40
C GLU B 487 -40.67 28.28 5.84
N VAL B 488 -39.73 29.11 6.29
CA VAL B 488 -39.09 28.91 7.60
C VAL B 488 -38.85 30.23 8.31
N ALA B 489 -39.40 30.37 9.52
CA ALA B 489 -39.15 31.55 10.36
C ALA B 489 -39.43 32.86 9.61
N GLY B 490 -40.49 32.86 8.80
CA GLY B 490 -40.87 34.02 8.03
C GLY B 490 -40.07 34.22 6.76
N LYS B 491 -39.14 33.30 6.52
CA LYS B 491 -38.25 33.40 5.37
C LYS B 491 -38.63 32.38 4.31
N ARG B 492 -38.14 32.59 3.09
CA ARG B 492 -38.39 31.66 2.01
C ARG B 492 -37.05 31.14 1.49
N ILE B 493 -36.89 29.82 1.51
CA ILE B 493 -35.61 29.17 1.18
C ILE B 493 -35.82 28.26 -0.01
N SER B 494 -34.86 28.23 -0.93
CA SER B 494 -34.94 27.40 -2.11
C SER B 494 -33.72 26.50 -2.20
N VAL B 495 -33.89 25.32 -2.79
CA VAL B 495 -32.76 24.47 -3.17
C VAL B 495 -32.39 24.78 -4.60
N HIS B 496 -31.09 24.97 -4.85
CA HIS B 496 -30.56 25.18 -6.19
C HIS B 496 -29.53 24.10 -6.50
N PRO B 497 -29.93 23.10 -7.30
CA PRO B 497 -28.94 22.10 -7.69
C PRO B 497 -27.82 22.75 -8.51
N LEU B 498 -26.61 22.22 -8.39
CA LEU B 498 -25.42 22.79 -9.05
C LEU B 498 -25.46 22.57 -10.56
N ILE B 499 -25.37 21.31 -10.95
CA ILE B 499 -25.36 20.91 -12.35
C ILE B 499 -25.99 19.54 -12.46
N SER B 500 -26.44 19.15 -13.66
CA SER B 500 -26.85 17.76 -13.87
C SER B 500 -25.62 16.85 -13.81
N PRO B 501 -25.75 15.70 -13.16
CA PRO B 501 -24.54 14.89 -12.90
C PRO B 501 -23.98 14.25 -14.16
N ASP B 502 -22.66 14.31 -14.34
CA ASP B 502 -22.00 13.48 -15.35
C ASP B 502 -21.99 12.01 -14.94
N PHE B 503 -22.03 11.76 -13.64
CA PHE B 503 -21.90 10.41 -13.12
C PHE B 503 -22.88 10.22 -11.97
N ASN B 504 -22.40 10.04 -10.74
CA ASN B 504 -23.31 9.76 -9.64
C ASN B 504 -23.20 10.74 -8.47
N MET B 505 -22.49 11.85 -8.69
CA MET B 505 -22.40 12.90 -7.68
C MET B 505 -23.40 14.02 -7.95
N VAL B 506 -24.09 14.44 -6.89
CA VAL B 506 -25.12 15.48 -7.00
C VAL B 506 -24.90 16.54 -5.94
N ASP B 507 -24.81 17.80 -6.36
CA ASP B 507 -24.49 18.91 -5.47
C ASP B 507 -25.60 19.96 -5.50
N TYR B 508 -25.74 20.72 -4.41
CA TYR B 508 -26.72 21.81 -4.37
C TYR B 508 -26.36 22.86 -3.32
N VAL B 509 -27.07 23.98 -3.35
CA VAL B 509 -27.01 24.93 -2.24
C VAL B 509 -28.43 25.27 -1.82
N LEU B 510 -28.60 25.57 -0.53
CA LEU B 510 -29.83 26.18 -0.05
C LEU B 510 -29.60 27.69 -0.04
N LYS B 511 -30.64 28.49 -0.29
CA LYS B 511 -30.44 29.94 -0.37
C LYS B 511 -31.74 30.63 0.00
N GLU B 512 -31.64 31.71 0.78
CA GLU B 512 -32.81 32.55 1.04
C GLU B 512 -33.17 33.35 -0.21
N ASP B 513 -34.43 33.27 -0.62
CA ASP B 513 -34.88 33.92 -1.85
C ASP B 513 -34.61 35.41 -1.83
N GLY B 514 -33.95 35.92 -2.87
CA GLY B 514 -33.69 37.34 -3.02
C GLY B 514 -32.56 37.89 -2.16
N ASN B 515 -31.93 37.03 -1.36
CA ASN B 515 -30.79 37.44 -0.53
C ASN B 515 -29.49 37.35 -1.34
N ASP B 516 -28.86 38.49 -1.60
CA ASP B 516 -27.69 38.53 -2.48
C ASP B 516 -26.36 38.51 -1.71
N ASP B 517 -26.42 38.12 -0.45
CA ASP B 517 -25.22 38.03 0.38
C ASP B 517 -24.66 36.61 0.31
N LEU B 518 -23.52 36.45 -0.35
CA LEU B 518 -22.92 35.14 -0.56
C LEU B 518 -22.34 34.59 0.74
N ILE B 519 -21.79 35.47 1.57
CA ILE B 519 -21.27 35.06 2.88
C ILE B 519 -22.40 34.47 3.72
N GLU B 520 -23.59 35.08 3.63
CA GLU B 520 -24.74 34.55 4.34
C GLU B 520 -25.18 33.20 3.80
N MET B 521 -25.13 33.03 2.48
CA MET B 521 -25.51 31.74 1.91
C MET B 521 -24.53 30.67 2.36
N ASN B 522 -23.24 30.99 2.32
CA ASN B 522 -22.23 30.07 2.83
C ASN B 522 -22.48 29.68 4.28
N ARG B 523 -22.84 30.67 5.09
CA ARG B 523 -23.19 30.45 6.48
C ARG B 523 -24.35 29.47 6.61
N LEU B 524 -25.37 29.66 5.79
CA LEU B 524 -26.59 28.83 5.83
C LEU B 524 -26.26 27.38 5.48
N ASN B 525 -25.54 27.19 4.40
CA ASN B 525 -25.19 25.83 4.00
C ASN B 525 -24.26 25.13 4.98
N HIS B 526 -23.33 25.87 5.57
CA HIS B 526 -22.52 25.24 6.62
C HIS B 526 -23.35 24.84 7.83
N ALA B 527 -24.23 25.73 8.27
CA ALA B 527 -25.10 25.46 9.41
C ALA B 527 -26.05 24.30 9.13
N PHE B 528 -26.54 24.22 7.90
CA PHE B 528 -27.42 23.13 7.51
C PHE B 528 -26.67 21.81 7.58
N TYR B 529 -25.46 21.80 7.07
CA TYR B 529 -24.64 20.59 7.10
C TYR B 529 -24.47 20.11 8.54
N GLU B 530 -24.22 21.04 9.45
CA GLU B 530 -24.03 20.67 10.85
C GLU B 530 -25.27 20.04 11.47
N GLN B 531 -26.45 20.48 11.03
CA GLN B 531 -27.69 19.86 11.49
C GLN B 531 -27.90 18.48 10.87
N ALA B 532 -27.44 18.32 9.63
CA ALA B 532 -27.73 17.12 8.86
C ALA B 532 -26.50 16.22 8.75
N SER B 533 -25.79 16.05 9.86
CA SER B 533 -24.64 15.17 9.90
C SER B 533 -24.49 14.58 11.29
N TYR B 534 -23.82 13.44 11.36
CA TYR B 534 -23.55 12.77 12.62
C TYR B 534 -22.20 13.21 13.17
N VAL B 535 -21.95 12.93 14.44
CA VAL B 535 -20.59 13.00 14.97
C VAL B 535 -20.22 11.62 15.51
N LYS B 536 -18.95 11.43 15.82
CA LYS B 536 -18.51 10.22 16.50
C LYS B 536 -19.34 10.02 17.76
N GLY B 537 -19.95 8.85 17.90
CA GLY B 537 -20.77 8.56 19.07
C GLY B 537 -22.26 8.84 18.92
N SER B 538 -22.65 9.42 17.79
CA SER B 538 -24.09 9.68 17.54
C SER B 538 -24.92 8.40 17.69
N LEU B 539 -26.09 8.53 18.33
CA LEU B 539 -27.01 7.42 18.53
C LEU B 539 -28.43 7.68 18.03
N TYR B 540 -28.85 8.95 18.02
CA TYR B 540 -30.17 9.27 17.48
C TYR B 540 -30.14 9.29 15.97
N GLY B 541 -30.93 8.41 15.36
CA GLY B 541 -30.95 8.28 13.91
C GLY B 541 -31.48 9.54 13.25
N LYS B 542 -30.84 9.95 12.17
CA LYS B 542 -31.32 11.10 11.41
C LYS B 542 -31.99 10.65 10.11
N GLU B 543 -33.00 11.40 9.69
CA GLU B 543 -33.74 11.10 8.47
C GLU B 543 -32.99 11.57 7.22
N TYR B 544 -31.97 12.38 7.43
CA TYR B 544 -31.26 12.99 6.31
C TYR B 544 -29.86 13.38 6.72
N ILE B 545 -28.87 12.84 6.01
CA ILE B 545 -27.47 13.12 6.24
C ILE B 545 -26.85 13.62 4.93
N VAL B 546 -26.16 14.74 4.98
CA VAL B 546 -25.44 15.23 3.81
C VAL B 546 -23.95 15.44 4.12
N SER B 547 -23.17 15.66 3.07
CA SER B 547 -21.78 16.10 3.22
C SER B 547 -21.67 17.52 2.69
N HIS B 548 -20.47 18.09 2.74
CA HIS B 548 -20.27 19.45 2.27
C HIS B 548 -18.82 19.70 1.90
N THR B 549 -18.59 20.73 1.11
CA THR B 549 -17.24 21.16 0.76
C THR B 549 -17.33 22.61 0.31
N ASP B 550 -16.19 23.30 0.25
CA ASP B 550 -16.16 24.65 -0.30
C ASP B 550 -15.51 24.61 -1.67
N PHE B 551 -16.09 25.32 -2.63
CA PHE B 551 -15.44 25.53 -3.91
C PHE B 551 -14.72 26.87 -3.77
N ALA B 552 -13.43 26.84 -3.45
CA ALA B 552 -12.68 28.08 -3.24
C ALA B 552 -11.84 28.46 -4.46
N ILE B 553 -11.63 29.76 -4.61
CA ILE B 553 -10.90 30.31 -5.77
C ILE B 553 -9.54 29.65 -6.10
N PRO B 554 -8.71 29.38 -5.07
CA PRO B 554 -7.41 28.74 -5.40
C PRO B 554 -7.52 27.41 -6.15
N ASP B 555 -8.57 26.63 -5.87
CA ASP B 555 -8.75 25.32 -6.48
C ASP B 555 -9.70 25.35 -7.67
N TYR B 556 -10.65 26.30 -7.67
CA TYR B 556 -11.70 26.35 -8.71
C TYR B 556 -11.56 27.47 -9.72
N GLY B 557 -10.72 28.47 -9.40
CA GLY B 557 -10.67 29.67 -10.21
C GLY B 557 -12.06 30.28 -10.24
N ASP B 558 -12.49 30.74 -11.42
CA ASP B 558 -13.81 31.33 -11.60
C ASP B 558 -14.83 30.34 -12.17
N SER B 559 -14.55 29.04 -12.07
CA SER B 559 -15.49 28.05 -12.59
C SER B 559 -16.90 28.13 -11.96
N PRO B 560 -17.00 28.49 -10.65
CA PRO B 560 -18.35 28.59 -10.09
C PRO B 560 -18.98 29.97 -10.28
N LEU B 561 -18.30 30.87 -10.97
CA LEU B 561 -18.84 32.23 -11.13
C LEU B 561 -20.18 32.27 -11.88
N ALA B 562 -20.30 31.50 -12.96
CA ALA B 562 -21.55 31.48 -13.72
C ALA B 562 -22.71 30.99 -12.84
N PHE B 563 -22.43 30.00 -12.00
CA PHE B 563 -23.43 29.47 -11.09
C PHE B 563 -23.85 30.51 -10.06
N VAL B 564 -22.89 31.14 -9.39
CA VAL B 564 -23.26 32.10 -8.35
C VAL B 564 -23.95 33.32 -8.96
N GLU B 565 -23.52 33.74 -10.15
CA GLU B 565 -24.20 34.83 -10.85
C GLU B 565 -25.64 34.48 -11.20
N SER B 566 -25.87 33.21 -11.55
CA SER B 566 -27.21 32.76 -11.91
C SER B 566 -28.18 32.87 -10.74
N LEU B 567 -27.63 32.88 -9.53
CA LEU B 567 -28.45 32.99 -8.31
C LEU B 567 -28.64 34.45 -7.88
N GLY B 568 -27.92 35.37 -8.52
CA GLY B 568 -28.01 36.78 -8.19
C GLY B 568 -26.81 37.38 -7.46
N PHE B 569 -25.75 36.60 -7.27
CA PHE B 569 -24.56 37.11 -6.61
C PHE B 569 -23.68 37.79 -7.66
N SER B 570 -23.03 38.88 -7.26
CA SER B 570 -22.18 39.64 -8.19
C SER B 570 -20.78 39.06 -8.21
N GLU B 571 -20.02 39.42 -9.24
CA GLU B 571 -18.63 39.01 -9.33
C GLU B 571 -17.84 39.58 -8.16
N VAL B 572 -18.15 40.83 -7.81
CA VAL B 572 -17.55 41.46 -6.63
C VAL B 572 -17.82 40.64 -5.37
N GLU B 573 -19.06 40.18 -5.24
CA GLU B 573 -19.47 39.33 -4.12
C GLU B 573 -18.70 38.00 -4.12
N TRP B 574 -18.51 37.43 -5.30
CA TRP B 574 -17.73 36.21 -5.45
C TRP B 574 -16.29 36.39 -4.93
N ARG B 575 -15.66 37.49 -5.28
CA ARG B 575 -14.29 37.76 -4.82
C ARG B 575 -14.23 38.07 -3.34
N HIS B 576 -15.27 38.73 -2.84
CA HIS B 576 -15.38 39.06 -1.43
C HIS B 576 -15.39 37.79 -0.58
N ALA B 577 -16.29 36.87 -0.92
CA ALA B 577 -16.42 35.61 -0.18
C ALA B 577 -15.26 34.65 -0.43
N GLY B 578 -14.83 34.57 -1.69
CA GLY B 578 -13.67 33.77 -2.07
C GLY B 578 -13.99 32.30 -2.27
N LYS B 579 -15.26 31.94 -2.07
CA LYS B 579 -15.68 30.54 -2.15
C LYS B 579 -17.19 30.44 -2.12
N VAL B 580 -17.69 29.26 -2.47
CA VAL B 580 -19.09 28.93 -2.26
C VAL B 580 -19.18 27.57 -1.58
N THR B 581 -20.02 27.49 -0.56
CA THR B 581 -20.22 26.24 0.17
C THR B 581 -21.29 25.39 -0.51
N ILE B 582 -20.97 24.12 -0.73
CA ILE B 582 -21.76 23.21 -1.56
C ILE B 582 -22.18 22.00 -0.73
N ILE B 583 -23.47 21.67 -0.76
CA ILE B 583 -23.97 20.45 -0.11
C ILE B 583 -23.72 19.28 -1.07
N ARG B 584 -23.07 18.23 -0.56
CA ARG B 584 -22.48 17.18 -1.39
C ARG B 584 -23.09 15.80 -1.20
N ALA B 585 -23.33 15.11 -2.31
CA ALA B 585 -23.77 13.71 -2.27
C ALA B 585 -23.00 12.91 -3.31
N SER B 586 -22.57 11.71 -2.93
CA SER B 586 -22.04 10.76 -3.90
C SER B 586 -22.91 9.52 -3.77
N VAL B 587 -23.80 9.31 -4.74
CA VAL B 587 -24.84 8.30 -4.54
C VAL B 587 -24.34 6.92 -4.90
N MET B 588 -23.67 6.29 -3.94
CA MET B 588 -23.06 4.97 -4.17
C MET B 588 -23.92 3.81 -3.68
N THR B 589 -25.04 4.11 -3.03
CA THR B 589 -25.99 3.06 -2.67
C THR B 589 -26.57 2.49 -3.96
N PRO B 590 -26.85 1.17 -3.97
CA PRO B 590 -27.46 0.59 -5.16
C PRO B 590 -29.00 0.57 -5.10
N TYR B 591 -29.56 0.97 -3.96
CA TYR B 591 -31.00 0.75 -3.71
C TYR B 591 -31.93 1.87 -4.13
N MET B 592 -31.39 3.01 -4.53
CA MET B 592 -32.25 4.15 -4.88
C MET B 592 -32.59 4.23 -6.37
N ASN B 593 -32.22 3.20 -7.11
CA ASN B 593 -32.54 3.14 -8.54
C ASN B 593 -34.03 2.85 -8.76
N GLN B 594 -34.63 2.10 -7.84
CA GLN B 594 -36.04 1.73 -7.96
C GLN B 594 -36.94 2.89 -7.54
N ARG B 595 -37.89 3.24 -8.41
CA ARG B 595 -38.81 4.34 -8.13
C ARG B 595 -39.54 4.14 -6.81
N GLU B 596 -39.95 2.91 -6.55
CA GLU B 596 -40.70 2.58 -5.34
C GLU B 596 -39.89 2.95 -4.10
N ASN B 597 -38.60 2.64 -4.15
CA ASN B 597 -37.70 2.94 -3.04
C ASN B 597 -37.48 4.43 -2.85
N PHE B 598 -37.11 5.12 -3.92
CA PHE B 598 -36.84 6.54 -3.77
C PHE B 598 -38.09 7.31 -3.34
N ASP B 599 -39.23 7.01 -3.97
CA ASP B 599 -40.46 7.75 -3.70
C ASP B 599 -40.90 7.60 -2.25
N TYR B 600 -40.51 6.51 -1.60
CA TYR B 600 -40.77 6.36 -0.19
C TYR B 600 -40.01 7.42 0.62
N PHE B 601 -38.74 7.66 0.28
CA PHE B 601 -37.94 8.55 1.11
C PHE B 601 -38.10 10.03 0.77
N ALA B 602 -38.50 10.32 -0.46
CA ALA B 602 -38.68 11.72 -0.89
C ALA B 602 -39.45 12.61 0.09
N PRO B 603 -40.68 12.22 0.50
CA PRO B 603 -41.42 13.06 1.47
C PRO B 603 -40.70 13.19 2.80
N ARG B 604 -39.98 12.14 3.18
CA ARG B 604 -39.22 12.12 4.43
C ARG B 604 -38.01 13.06 4.39
N ILE B 605 -37.29 13.06 3.27
CA ILE B 605 -36.18 13.98 3.07
C ILE B 605 -36.67 15.42 3.12
N LYS B 606 -37.77 15.69 2.43
CA LYS B 606 -38.33 17.04 2.40
C LYS B 606 -38.64 17.53 3.82
N LYS B 607 -39.29 16.68 4.60
CA LYS B 607 -39.62 17.04 5.99
C LYS B 607 -38.38 17.22 6.85
N ALA B 608 -37.35 16.42 6.60
CA ALA B 608 -36.09 16.58 7.32
C ALA B 608 -35.41 17.90 6.97
N ILE B 609 -35.46 18.32 5.71
CA ILE B 609 -34.84 19.59 5.35
C ILE B 609 -35.56 20.72 6.08
N GLN B 610 -36.88 20.66 6.08
CA GLN B 610 -37.71 21.66 6.77
C GLN B 610 -37.30 21.77 8.25
N ALA B 611 -37.23 20.63 8.93
CA ALA B 611 -36.86 20.58 10.34
C ALA B 611 -35.45 21.10 10.61
N ASP B 612 -34.49 20.70 9.77
CA ASP B 612 -33.13 21.16 9.91
C ASP B 612 -33.03 22.67 9.71
N LEU B 613 -33.76 23.19 8.72
CA LEU B 613 -33.79 24.63 8.51
C LEU B 613 -34.39 25.37 9.71
N GLU B 614 -35.44 24.81 10.28
CA GLU B 614 -36.05 25.44 11.46
C GLU B 614 -35.05 25.54 12.61
N LYS B 615 -34.22 24.51 12.76
CA LYS B 615 -33.17 24.56 13.79
C LYS B 615 -32.08 25.56 13.46
N VAL B 616 -31.69 25.63 12.18
CA VAL B 616 -30.70 26.61 11.75
C VAL B 616 -31.15 28.02 12.11
N TYR B 617 -32.39 28.35 11.75
CA TYR B 617 -32.90 29.70 11.97
C TYR B 617 -33.37 30.00 13.39
N ALA B 618 -33.62 28.96 14.18
CA ALA B 618 -33.97 29.15 15.60
C ALA B 618 -32.86 29.87 16.34
#